data_4KE8
#
_entry.id   4KE8
#
_cell.length_a   77.015
_cell.length_b   81.125
_cell.length_c   85.611
_cell.angle_alpha   90.00
_cell.angle_beta   100.26
_cell.angle_gamma   90.00
#
_symmetry.space_group_name_H-M   'P 1 21 1'
#
loop_
_entity.id
_entity.type
_entity.pdbx_description
1 polymer 'Thermostable monoacylglycerol lipase'
2 non-polymer 'tetradecyl hydrogen (R)-(3-azidopropyl)phosphonate'
3 water water
#
_entity_poly.entity_id   1
_entity_poly.type   'polypeptide(L)'
_entity_poly.pdbx_seq_one_letter_code
;MGSSHHHHHHSSGLVPRGSHMSEQYPVLSGAEPFYAENGPVGVLLVHGFTGTPHSMRPLAEAYAKAGYTVCLPRLKGHGT
HYEDMERTTFHDWVASVEEGYGWLKQRCQTIFVTGLSMGGTLTLYLAEHHPDICGIVPINAAVDIPAIAAGMTGGGELPR
YLDSIGSDLKNPDVKELAYEKTPTASLLQLARLMAQTKAKLDRIVCPALIFVSDEDHVVPPGNADIIFQGISSTEKEIVR
LRNSYHVATLDYDQPMIIERSLEFFAKHAG
;
_entity_poly.pdbx_strand_id   A,B,C,D
#
# COMPACT_ATOMS: atom_id res chain seq x y z
N SER A 22 -7.87 -28.49 11.53
CA SER A 22 -7.10 -28.76 12.74
C SER A 22 -7.55 -27.86 13.90
N GLU A 23 -8.74 -27.27 13.76
CA GLU A 23 -9.33 -26.45 14.83
C GLU A 23 -9.43 -27.26 16.15
N GLN A 24 -9.10 -26.61 17.26
CA GLN A 24 -9.13 -27.27 18.56
C GLN A 24 -10.33 -26.82 19.37
N TYR A 25 -10.99 -25.76 18.89
CA TYR A 25 -12.15 -25.21 19.58
C TYR A 25 -13.42 -25.60 18.86
N PRO A 26 -14.55 -25.66 19.60
CA PRO A 26 -15.81 -26.04 18.93
C PRO A 26 -16.33 -24.92 18.03
N VAL A 27 -17.06 -25.31 16.99
CA VAL A 27 -17.71 -24.36 16.10
C VAL A 27 -18.84 -23.67 16.86
N LEU A 28 -18.84 -22.35 16.87
CA LEU A 28 -19.86 -21.59 17.60
C LEU A 28 -21.26 -21.84 17.03
N SER A 29 -22.27 -21.78 17.89
CA SER A 29 -23.65 -21.94 17.43
C SER A 29 -23.97 -20.86 16.40
N GLY A 30 -24.48 -21.28 15.25
CA GLY A 30 -24.75 -20.35 14.16
C GLY A 30 -23.59 -20.22 13.18
N ALA A 31 -22.45 -20.82 13.50
CA ALA A 31 -21.28 -20.72 12.63
C ALA A 31 -21.04 -21.98 11.80
N GLU A 32 -22.00 -22.89 11.78
CA GLU A 32 -21.87 -24.14 11.02
C GLU A 32 -21.96 -23.89 9.51
N PRO A 33 -21.28 -24.73 8.71
CA PRO A 33 -21.48 -24.63 7.26
C PRO A 33 -22.94 -24.95 6.94
N PHE A 34 -23.45 -24.46 5.81
CA PHE A 34 -24.83 -24.70 5.43
C PHE A 34 -24.89 -25.20 3.99
N TYR A 35 -25.63 -26.28 3.76
CA TYR A 35 -25.80 -26.83 2.43
C TYR A 35 -27.30 -26.97 2.14
N ALA A 36 -27.70 -26.75 0.89
CA ALA A 36 -29.02 -27.14 0.42
C ALA A 36 -28.96 -27.65 -1.01
N GLU A 37 -29.38 -28.88 -1.22
CA GLU A 37 -29.41 -29.45 -2.56
C GLU A 37 -30.78 -29.26 -3.20
N ASN A 38 -30.84 -28.45 -4.26
CA ASN A 38 -32.08 -28.23 -5.00
C ASN A 38 -31.82 -28.36 -6.49
N GLY A 39 -32.13 -27.29 -7.22
CA GLY A 39 -32.00 -27.30 -8.67
C GLY A 39 -30.58 -27.35 -9.19
N PRO A 40 -30.45 -27.35 -10.52
CA PRO A 40 -29.20 -27.43 -11.29
C PRO A 40 -28.40 -26.11 -11.34
N VAL A 41 -28.92 -25.05 -10.73
CA VAL A 41 -28.17 -23.79 -10.63
C VAL A 41 -27.71 -23.61 -9.19
N GLY A 42 -26.42 -23.32 -9.00
CA GLY A 42 -25.86 -23.27 -7.66
C GLY A 42 -25.40 -21.88 -7.24
N VAL A 43 -25.44 -21.62 -5.94
CA VAL A 43 -24.84 -20.40 -5.39
C VAL A 43 -23.88 -20.74 -4.25
N LEU A 44 -22.65 -20.28 -4.40
CA LEU A 44 -21.64 -20.42 -3.36
C LEU A 44 -21.60 -19.09 -2.62
N LEU A 45 -21.70 -19.14 -1.29
CA LEU A 45 -21.70 -17.93 -0.48
C LEU A 45 -20.51 -17.95 0.47
N VAL A 46 -19.72 -16.86 0.46
CA VAL A 46 -18.47 -16.83 1.22
C VAL A 46 -18.51 -15.72 2.27
N HIS A 47 -18.27 -16.09 3.53
CA HIS A 47 -18.22 -15.09 4.60
C HIS A 47 -16.85 -14.43 4.71
N GLY A 48 -16.72 -13.49 5.64
CA GLY A 48 -15.52 -12.68 5.73
C GLY A 48 -14.48 -13.09 6.75
N PHE A 49 -13.39 -12.31 6.77
CA PHE A 49 -12.22 -12.45 7.63
C PHE A 49 -12.60 -12.27 9.10
N THR A 50 -12.27 -13.28 9.93
CA THR A 50 -12.69 -13.38 11.34
C THR A 50 -14.18 -13.61 11.54
N GLY A 51 -14.93 -13.66 10.42
CA GLY A 51 -16.37 -13.79 10.42
C GLY A 51 -16.81 -15.25 10.39
N THR A 52 -18.09 -15.49 10.13
CA THR A 52 -18.65 -16.85 10.15
C THR A 52 -19.76 -16.98 9.12
N PRO A 53 -20.24 -18.22 8.86
CA PRO A 53 -21.40 -18.37 7.99
C PRO A 53 -22.62 -17.56 8.41
N HIS A 54 -22.70 -17.15 9.67
CA HIS A 54 -23.84 -16.39 10.19
C HIS A 54 -24.17 -15.13 9.37
N SER A 55 -23.14 -14.46 8.87
CA SER A 55 -23.33 -13.22 8.09
C SER A 55 -23.99 -13.47 6.75
N MET A 56 -23.93 -14.71 6.26
CA MET A 56 -24.40 -15.03 4.91
C MET A 56 -25.63 -15.94 4.92
N ARG A 57 -25.96 -16.46 6.10
CA ARG A 57 -27.05 -17.43 6.23
C ARG A 57 -28.42 -16.97 5.69
N PRO A 58 -28.84 -15.72 6.01
CA PRO A 58 -30.14 -15.28 5.45
C PRO A 58 -30.17 -15.27 3.93
N LEU A 59 -29.07 -14.86 3.29
CA LEU A 59 -28.97 -14.91 1.83
C LEU A 59 -29.06 -16.37 1.33
N ALA A 60 -28.31 -17.26 1.97
CA ALA A 60 -28.29 -18.67 1.62
C ALA A 60 -29.70 -19.26 1.66
N GLU A 61 -30.43 -18.95 2.73
CA GLU A 61 -31.77 -19.53 2.88
C GLU A 61 -32.74 -18.97 1.87
N ALA A 62 -32.61 -17.68 1.59
CA ALA A 62 -33.46 -17.06 0.59
C ALA A 62 -33.21 -17.67 -0.79
N TYR A 63 -31.94 -17.97 -1.11
CA TYR A 63 -31.63 -18.51 -2.44
C TYR A 63 -32.05 -19.97 -2.56
N ALA A 64 -31.91 -20.71 -1.47
CA ALA A 64 -32.35 -22.10 -1.43
C ALA A 64 -33.87 -22.20 -1.60
N LYS A 65 -34.60 -21.33 -0.90
CA LYS A 65 -36.06 -21.25 -1.03
C LYS A 65 -36.52 -20.96 -2.48
N ALA A 66 -35.71 -20.21 -3.22
CA ALA A 66 -36.03 -19.89 -4.61
C ALA A 66 -35.62 -21.00 -5.58
N GLY A 67 -35.08 -22.10 -5.05
CA GLY A 67 -34.75 -23.27 -5.87
C GLY A 67 -33.30 -23.45 -6.26
N TYR A 68 -32.42 -22.64 -5.70
CA TYR A 68 -31.01 -22.78 -5.99
C TYR A 68 -30.40 -23.79 -5.05
N THR A 69 -29.45 -24.55 -5.57
CA THR A 69 -28.61 -25.37 -4.71
C THR A 69 -27.61 -24.38 -4.11
N VAL A 70 -27.42 -24.43 -2.79
CA VAL A 70 -26.50 -23.48 -2.14
C VAL A 70 -25.46 -24.17 -1.28
N CYS A 71 -24.27 -23.55 -1.19
CA CYS A 71 -23.23 -24.02 -0.32
C CYS A 71 -22.61 -22.82 0.39
N LEU A 72 -22.63 -22.85 1.73
CA LEU A 72 -22.13 -21.76 2.56
C LEU A 72 -21.11 -22.37 3.49
N PRO A 73 -19.86 -22.46 3.03
CA PRO A 73 -18.86 -23.11 3.87
C PRO A 73 -18.40 -22.27 5.05
N ARG A 74 -17.84 -22.95 6.04
CA ARG A 74 -17.11 -22.32 7.11
C ARG A 74 -15.62 -22.31 6.76
N LEU A 75 -15.04 -21.13 6.63
CA LEU A 75 -13.64 -21.00 6.27
C LEU A 75 -12.79 -21.59 7.38
N LYS A 76 -11.72 -22.28 6.98
CA LYS A 76 -10.86 -22.94 7.96
C LYS A 76 -10.39 -21.92 9.00
N GLY A 77 -10.39 -22.31 10.27
CA GLY A 77 -9.92 -21.44 11.33
C GLY A 77 -10.95 -20.41 11.79
N HIS A 78 -12.09 -20.36 11.10
CA HIS A 78 -13.18 -19.42 11.40
C HIS A 78 -14.34 -20.04 12.18
N GLY A 79 -15.00 -19.25 13.01
CA GLY A 79 -16.17 -19.71 13.73
C GLY A 79 -15.87 -20.61 14.91
N THR A 80 -14.60 -20.69 15.29
CA THR A 80 -14.19 -21.46 16.46
C THR A 80 -13.56 -20.55 17.51
N HIS A 81 -12.27 -20.28 17.35
CA HIS A 81 -11.53 -19.35 18.22
C HIS A 81 -10.39 -18.73 17.45
N TYR A 82 -10.00 -17.51 17.82
CA TYR A 82 -8.96 -16.84 17.07
C TYR A 82 -7.61 -17.56 17.12
N GLU A 83 -7.37 -18.37 18.16
CA GLU A 83 -6.13 -19.16 18.20
C GLU A 83 -6.06 -20.15 17.03
N ASP A 84 -7.22 -20.70 16.65
CA ASP A 84 -7.28 -21.61 15.51
C ASP A 84 -6.98 -20.86 14.22
N MET A 85 -7.52 -19.65 14.12
CA MET A 85 -7.33 -18.84 12.92
C MET A 85 -5.86 -18.53 12.65
N GLU A 86 -5.11 -18.23 13.72
CA GLU A 86 -3.70 -17.87 13.59
C GLU A 86 -2.89 -18.88 12.79
N ARG A 87 -3.28 -20.16 12.87
CA ARG A 87 -2.54 -21.22 12.20
C ARG A 87 -2.80 -21.33 10.69
N THR A 88 -3.82 -20.62 10.22
CA THR A 88 -4.26 -20.77 8.83
C THR A 88 -3.64 -19.72 7.91
N THR A 89 -3.54 -20.07 6.63
CA THR A 89 -3.03 -19.15 5.62
C THR A 89 -4.18 -18.83 4.69
N PHE A 90 -4.01 -17.88 3.77
CA PHE A 90 -5.09 -17.66 2.81
C PHE A 90 -5.34 -18.87 1.89
N HIS A 91 -4.33 -19.70 1.70
CA HIS A 91 -4.50 -20.93 0.93
C HIS A 91 -5.48 -21.89 1.60
N ASP A 92 -5.52 -21.86 2.92
CA ASP A 92 -6.53 -22.62 3.65
C ASP A 92 -7.94 -22.07 3.40
N TRP A 93 -8.09 -20.75 3.41
CA TRP A 93 -9.40 -20.13 3.20
C TRP A 93 -9.85 -20.40 1.76
N VAL A 94 -8.91 -20.30 0.82
CA VAL A 94 -9.17 -20.67 -0.57
C VAL A 94 -9.64 -22.14 -0.69
N ALA A 95 -8.94 -23.04 -0.02
CA ALA A 95 -9.30 -24.46 -0.05
C ALA A 95 -10.73 -24.70 0.44
N SER A 96 -11.14 -23.96 1.46
CA SER A 96 -12.50 -24.08 2.01
C SER A 96 -13.54 -23.67 0.96
N VAL A 97 -13.20 -22.68 0.16
CA VAL A 97 -14.11 -22.21 -0.90
C VAL A 97 -14.06 -23.13 -2.12
N GLU A 98 -12.88 -23.63 -2.45
CA GLU A 98 -12.74 -24.64 -3.50
C GLU A 98 -13.51 -25.93 -3.20
N GLU A 99 -13.51 -26.37 -1.94
CA GLU A 99 -14.36 -27.49 -1.51
C GLU A 99 -15.83 -27.22 -1.76
N GLY A 100 -16.27 -26.01 -1.41
CA GLY A 100 -17.64 -25.62 -1.66
C GLY A 100 -18.00 -25.58 -3.13
N TYR A 101 -17.10 -25.00 -3.93
CA TYR A 101 -17.28 -24.93 -5.38
C TYR A 101 -17.39 -26.34 -5.96
N GLY A 102 -16.44 -27.20 -5.62
CA GLY A 102 -16.46 -28.58 -6.05
C GLY A 102 -17.71 -29.33 -5.65
N TRP A 103 -18.23 -29.04 -4.45
CA TRP A 103 -19.48 -29.63 -3.98
C TRP A 103 -20.66 -29.23 -4.86
N LEU A 104 -20.72 -27.95 -5.24
CA LEU A 104 -21.74 -27.48 -6.16
C LEU A 104 -21.57 -28.08 -7.56
N LYS A 105 -20.33 -28.14 -8.05
CA LYS A 105 -20.05 -28.67 -9.38
C LYS A 105 -20.54 -30.11 -9.58
N GLN A 106 -20.72 -30.85 -8.49
CA GLN A 106 -21.26 -32.21 -8.55
C GLN A 106 -22.77 -32.23 -8.74
N ARG A 107 -23.42 -31.11 -8.42
CA ARG A 107 -24.87 -31.07 -8.38
C ARG A 107 -25.45 -30.01 -9.33
N CYS A 108 -24.58 -29.20 -9.91
CA CYS A 108 -25.00 -28.02 -10.67
C CYS A 108 -24.17 -27.83 -11.92
N GLN A 109 -24.83 -27.39 -12.99
CA GLN A 109 -24.12 -27.11 -14.25
C GLN A 109 -23.88 -25.62 -14.40
N THR A 110 -24.61 -24.81 -13.63
CA THR A 110 -24.36 -23.36 -13.61
C THR A 110 -24.13 -22.88 -12.17
N ILE A 111 -23.07 -22.10 -11.96
CA ILE A 111 -22.70 -21.70 -10.61
C ILE A 111 -22.41 -20.20 -10.46
N PHE A 112 -23.02 -19.58 -9.44
CA PHE A 112 -22.73 -18.19 -9.11
C PHE A 112 -22.02 -18.15 -7.77
N VAL A 113 -21.22 -17.12 -7.55
CA VAL A 113 -20.49 -16.98 -6.30
C VAL A 113 -20.75 -15.58 -5.77
N THR A 114 -21.04 -15.50 -4.47
CA THR A 114 -21.29 -14.23 -3.80
C THR A 114 -20.53 -14.24 -2.47
N GLY A 115 -20.08 -13.08 -2.01
CA GLY A 115 -19.34 -13.05 -0.75
C GLY A 115 -19.29 -11.67 -0.12
N LEU A 116 -19.22 -11.64 1.21
CA LEU A 116 -19.08 -10.37 1.94
C LEU A 116 -17.63 -10.11 2.39
N SER A 117 -17.12 -8.92 2.08
CA SER A 117 -15.80 -8.50 2.58
C SER A 117 -14.70 -9.39 1.99
N MET A 118 -13.93 -10.06 2.85
CA MET A 118 -12.94 -11.03 2.34
C MET A 118 -13.65 -12.16 1.59
N GLY A 119 -14.92 -12.40 1.92
CA GLY A 119 -15.72 -13.33 1.16
C GLY A 119 -15.90 -12.83 -0.27
N GLY A 120 -15.98 -11.50 -0.39
CA GLY A 120 -15.99 -10.87 -1.70
C GLY A 120 -14.63 -11.02 -2.38
N THR A 121 -13.55 -10.88 -1.61
CA THR A 121 -12.19 -11.08 -2.15
C THR A 121 -12.03 -12.50 -2.69
N LEU A 122 -12.56 -13.48 -1.95
CA LEU A 122 -12.47 -14.88 -2.34
C LEU A 122 -13.36 -15.17 -3.53
N THR A 123 -14.45 -14.40 -3.66
CA THR A 123 -15.32 -14.47 -4.82
C THR A 123 -14.57 -14.06 -6.09
N LEU A 124 -13.89 -12.91 -6.01
CA LEU A 124 -13.04 -12.43 -7.09
C LEU A 124 -11.90 -13.42 -7.37
N TYR A 125 -11.31 -13.96 -6.31
CA TYR A 125 -10.21 -14.92 -6.45
C TYR A 125 -10.65 -16.13 -7.26
N LEU A 126 -11.80 -16.72 -6.89
CA LEU A 126 -12.36 -17.86 -7.62
C LEU A 126 -12.63 -17.55 -9.09
N ALA A 127 -13.26 -16.42 -9.37
CA ALA A 127 -13.58 -16.05 -10.75
C ALA A 127 -12.31 -15.83 -11.57
N GLU A 128 -11.21 -15.47 -10.90
CA GLU A 128 -9.93 -15.30 -11.58
C GLU A 128 -9.33 -16.66 -11.96
N HIS A 129 -9.76 -17.71 -11.30
CA HIS A 129 -9.22 -19.05 -11.56
C HIS A 129 -10.21 -19.98 -12.29
N HIS A 130 -11.47 -19.58 -12.36
CA HIS A 130 -12.51 -20.43 -12.95
C HIS A 130 -13.46 -19.68 -13.89
N PRO A 131 -13.14 -19.70 -15.21
CA PRO A 131 -13.95 -19.05 -16.25
C PRO A 131 -15.38 -19.62 -16.33
N ASP A 132 -15.58 -20.84 -15.87
CA ASP A 132 -16.89 -21.50 -15.92
C ASP A 132 -17.93 -20.83 -15.02
N ILE A 133 -17.47 -20.07 -14.03
CA ILE A 133 -18.37 -19.35 -13.11
C ILE A 133 -19.26 -18.37 -13.90
N CYS A 134 -20.56 -18.51 -13.72
CA CYS A 134 -21.56 -17.82 -14.55
C CYS A 134 -21.73 -16.33 -14.20
N GLY A 135 -21.43 -15.98 -12.96
CA GLY A 135 -21.53 -14.60 -12.50
C GLY A 135 -21.11 -14.44 -11.05
N ILE A 136 -20.69 -13.23 -10.70
CA ILE A 136 -20.28 -12.95 -9.32
C ILE A 136 -21.06 -11.78 -8.69
N VAL A 137 -21.26 -11.88 -7.38
CA VAL A 137 -21.93 -10.83 -6.62
C VAL A 137 -21.07 -10.49 -5.38
N PRO A 138 -19.99 -9.72 -5.58
CA PRO A 138 -19.23 -9.36 -4.39
C PRO A 138 -19.88 -8.21 -3.62
N ILE A 139 -19.82 -8.28 -2.30
CA ILE A 139 -20.49 -7.30 -1.43
C ILE A 139 -19.47 -6.70 -0.47
N ASN A 140 -19.24 -5.39 -0.58
CA ASN A 140 -18.15 -4.73 0.16
C ASN A 140 -16.84 -5.51 0.11
N ALA A 141 -16.49 -5.97 -1.09
CA ALA A 141 -15.30 -6.78 -1.30
C ALA A 141 -14.06 -5.94 -1.04
N ALA A 142 -13.01 -6.59 -0.55
CA ALA A 142 -11.79 -5.88 -0.18
C ALA A 142 -10.64 -6.25 -1.12
N VAL A 143 -10.07 -5.26 -1.81
CA VAL A 143 -8.81 -5.48 -2.53
C VAL A 143 -7.71 -4.54 -2.05
N ASP A 144 -8.10 -3.52 -1.29
CA ASP A 144 -7.15 -2.52 -0.80
C ASP A 144 -7.63 -1.97 0.56
N ILE A 145 -6.92 -2.32 1.63
CA ILE A 145 -7.22 -1.80 2.96
C ILE A 145 -5.99 -1.11 3.55
N PRO A 146 -5.82 0.20 3.28
CA PRO A 146 -4.67 0.98 3.75
C PRO A 146 -4.49 0.93 5.28
N ALA A 147 -5.56 0.70 6.03
CA ALA A 147 -5.46 0.60 7.49
C ALA A 147 -4.49 -0.49 7.93
N ILE A 148 -4.38 -1.57 7.15
CA ILE A 148 -3.42 -2.63 7.46
C ILE A 148 -1.97 -2.11 7.44
N ALA A 149 -1.57 -1.46 6.35
CA ALA A 149 -0.23 -0.88 6.29
C ALA A 149 -0.04 0.19 7.35
N ALA A 150 -1.07 1.00 7.58
CA ALA A 150 -1.01 2.04 8.60
C ALA A 150 -0.67 1.47 9.98
N GLY A 151 -1.28 0.34 10.35
CA GLY A 151 -0.98 -0.33 11.60
C GLY A 151 0.41 -0.99 11.65
N MET A 152 0.93 -1.37 10.49
CA MET A 152 2.23 -2.06 10.43
C MET A 152 3.41 -1.09 10.40
N THR A 153 3.13 0.20 10.18
CA THR A 153 4.17 1.22 9.99
C THR A 153 4.22 2.23 11.13
N GLY A 154 3.43 2.01 12.18
CA GLY A 154 3.35 2.95 13.28
C GLY A 154 4.58 3.02 14.18
N GLY A 155 5.52 2.11 13.98
CA GLY A 155 6.77 2.14 14.71
C GLY A 155 6.78 1.28 15.96
N GLY A 156 5.59 0.96 16.46
CA GLY A 156 5.49 0.19 17.69
C GLY A 156 5.59 -1.30 17.46
N GLU A 157 5.98 -2.01 18.51
CA GLU A 157 5.87 -3.46 18.53
C GLU A 157 4.41 -3.85 18.26
N LEU A 158 4.24 -4.83 17.38
CA LEU A 158 2.91 -5.29 17.04
C LEU A 158 2.58 -6.48 17.93
N PRO A 159 1.45 -6.40 18.66
CA PRO A 159 1.00 -7.54 19.46
C PRO A 159 0.76 -8.75 18.56
N ARG A 160 0.85 -9.95 19.14
CA ARG A 160 0.56 -11.16 18.40
C ARG A 160 -0.92 -11.19 18.01
N TYR A 161 -1.76 -10.72 18.93
CA TYR A 161 -3.20 -10.64 18.70
C TYR A 161 -3.69 -9.21 18.90
N LEU A 162 -4.38 -8.67 17.89
CA LEU A 162 -4.91 -7.32 17.97
C LEU A 162 -6.38 -7.34 18.35
N ASP A 163 -6.81 -6.31 19.09
CA ASP A 163 -8.24 -6.18 19.38
C ASP A 163 -8.92 -5.94 18.03
N SER A 164 -9.97 -6.69 17.75
CA SER A 164 -10.64 -6.59 16.46
C SER A 164 -11.40 -5.29 16.35
N ILE A 165 -11.58 -4.84 15.11
CA ILE A 165 -12.39 -3.68 14.82
C ILE A 165 -13.83 -3.99 15.24
N GLY A 166 -14.53 -3.00 15.79
CA GLY A 166 -15.91 -3.19 16.17
C GLY A 166 -16.82 -3.57 15.01
N SER A 167 -17.91 -4.26 15.35
CA SER A 167 -18.93 -4.62 14.36
C SER A 167 -19.49 -3.36 13.73
N ASP A 168 -19.55 -3.34 12.40
CA ASP A 168 -19.97 -2.14 11.66
C ASP A 168 -21.33 -2.39 11.00
N LEU A 169 -22.40 -2.07 11.72
CA LEU A 169 -23.77 -2.22 11.22
C LEU A 169 -24.61 -1.01 11.54
N LYS A 170 -25.50 -0.63 10.63
CA LYS A 170 -26.38 0.50 10.86
C LYS A 170 -27.53 0.10 11.77
N ASN A 171 -28.12 -1.08 11.53
CA ASN A 171 -29.14 -1.64 12.42
C ASN A 171 -28.50 -1.96 13.77
N PRO A 172 -28.88 -1.19 14.81
CA PRO A 172 -28.29 -1.26 16.14
C PRO A 172 -28.58 -2.57 16.87
N ASP A 173 -29.61 -3.30 16.44
CA ASP A 173 -30.03 -4.53 17.11
C ASP A 173 -29.39 -5.79 16.52
N VAL A 174 -28.42 -5.61 15.64
CA VAL A 174 -27.76 -6.76 15.01
C VAL A 174 -26.34 -6.94 15.56
N LYS A 175 -25.95 -8.18 15.79
CA LYS A 175 -24.59 -8.46 16.26
C LYS A 175 -23.92 -9.46 15.34
N GLU A 176 -22.88 -9.02 14.65
CA GLU A 176 -22.09 -9.91 13.82
C GLU A 176 -21.39 -10.89 14.76
N LEU A 177 -21.37 -12.15 14.36
CA LEU A 177 -20.57 -13.16 15.02
C LEU A 177 -19.15 -13.06 14.43
N ALA A 178 -18.20 -12.60 15.23
CA ALA A 178 -16.82 -12.48 14.77
C ALA A 178 -15.87 -12.50 15.96
N TYR A 179 -14.62 -12.85 15.70
CA TYR A 179 -13.60 -12.92 16.75
C TYR A 179 -13.32 -11.55 17.40
N GLU A 180 -13.18 -11.53 18.72
CA GLU A 180 -12.88 -10.30 19.43
C GLU A 180 -11.41 -9.90 19.26
N LYS A 181 -10.57 -10.87 18.91
CA LYS A 181 -9.17 -10.62 18.60
C LYS A 181 -8.81 -11.08 17.19
N THR A 182 -7.85 -10.40 16.58
CA THR A 182 -7.45 -10.70 15.21
C THR A 182 -5.96 -11.01 15.21
N PRO A 183 -5.58 -12.22 14.78
CA PRO A 183 -4.14 -12.54 14.85
C PRO A 183 -3.36 -11.72 13.84
N THR A 184 -2.20 -11.20 14.24
CA THR A 184 -1.37 -10.40 13.34
C THR A 184 -0.95 -11.21 12.12
N ALA A 185 -0.65 -12.49 12.34
CA ALA A 185 -0.29 -13.38 11.25
C ALA A 185 -1.40 -13.48 10.19
N SER A 186 -2.66 -13.54 10.65
CA SER A 186 -3.79 -13.65 9.73
C SER A 186 -3.98 -12.38 8.90
N LEU A 187 -3.73 -11.24 9.54
CA LEU A 187 -3.89 -9.96 8.86
C LEU A 187 -2.89 -9.83 7.73
N LEU A 188 -1.69 -10.35 7.96
CA LEU A 188 -0.65 -10.35 6.94
C LEU A 188 -1.04 -11.30 5.80
N GLN A 189 -1.66 -12.42 6.16
CA GLN A 189 -2.18 -13.36 5.18
C GLN A 189 -3.27 -12.73 4.32
N LEU A 190 -4.19 -12.01 4.96
CA LEU A 190 -5.21 -11.28 4.21
C LEU A 190 -4.62 -10.27 3.23
N ALA A 191 -3.64 -9.50 3.69
CA ALA A 191 -3.02 -8.48 2.84
C ALA A 191 -2.42 -9.13 1.60
N ARG A 192 -1.83 -10.31 1.78
CA ARG A 192 -1.24 -11.06 0.66
C ARG A 192 -2.31 -11.55 -0.30
N LEU A 193 -3.39 -12.09 0.25
CA LEU A 193 -4.52 -12.52 -0.56
C LEU A 193 -5.08 -11.38 -1.42
N MET A 194 -5.24 -10.21 -0.80
CA MET A 194 -5.84 -9.08 -1.49
C MET A 194 -4.92 -8.57 -2.58
N ALA A 195 -3.62 -8.59 -2.32
CA ALA A 195 -2.64 -8.10 -3.28
C ALA A 195 -2.65 -8.94 -4.56
N GLN A 196 -2.67 -10.25 -4.40
CA GLN A 196 -2.77 -11.16 -5.55
C GLN A 196 -4.12 -11.03 -6.26
N THR A 197 -5.19 -10.97 -5.50
CA THR A 197 -6.54 -10.84 -6.09
C THR A 197 -6.65 -9.56 -6.89
N LYS A 198 -6.16 -8.46 -6.34
CA LYS A 198 -6.22 -7.18 -7.05
C LYS A 198 -5.41 -7.24 -8.35
N ALA A 199 -4.24 -7.86 -8.28
CA ALA A 199 -3.32 -7.89 -9.41
C ALA A 199 -3.91 -8.61 -10.63
N LYS A 200 -4.78 -9.59 -10.38
CA LYS A 200 -5.31 -10.42 -11.46
C LYS A 200 -6.78 -10.17 -11.80
N LEU A 201 -7.30 -9.02 -11.37
CA LEU A 201 -8.69 -8.67 -11.64
C LEU A 201 -9.07 -8.75 -13.12
N ASP A 202 -8.11 -8.45 -14.00
CA ASP A 202 -8.40 -8.42 -15.44
C ASP A 202 -8.70 -9.79 -16.05
N ARG A 203 -8.48 -10.85 -15.28
CA ARG A 203 -8.81 -12.20 -15.73
C ARG A 203 -10.31 -12.49 -15.64
N ILE A 204 -11.02 -11.73 -14.80
CA ILE A 204 -12.45 -11.91 -14.64
C ILE A 204 -13.20 -11.33 -15.85
N VAL A 205 -14.05 -12.14 -16.47
CA VAL A 205 -14.85 -11.71 -17.61
C VAL A 205 -16.34 -11.97 -17.42
N CYS A 206 -16.68 -12.78 -16.41
CA CYS A 206 -18.08 -13.10 -16.16
C CYS A 206 -18.88 -11.89 -15.65
N PRO A 207 -20.21 -11.91 -15.85
CA PRO A 207 -21.08 -10.84 -15.33
C PRO A 207 -20.88 -10.60 -13.83
N ALA A 208 -20.90 -9.33 -13.43
CA ALA A 208 -20.60 -8.96 -12.04
C ALA A 208 -21.62 -7.96 -11.54
N LEU A 209 -22.15 -8.22 -10.35
CA LEU A 209 -23.04 -7.27 -9.67
C LEU A 209 -22.34 -6.91 -8.38
N ILE A 210 -21.85 -5.68 -8.28
CA ILE A 210 -20.99 -5.26 -7.17
C ILE A 210 -21.75 -4.36 -6.20
N PHE A 211 -21.96 -4.84 -4.97
CA PHE A 211 -22.65 -4.05 -3.96
C PHE A 211 -21.63 -3.33 -3.11
N VAL A 212 -21.91 -2.06 -2.79
CA VAL A 212 -21.04 -1.30 -1.91
C VAL A 212 -21.86 -0.39 -0.97
N SER A 213 -21.53 -0.44 0.31
CA SER A 213 -22.17 0.41 1.30
C SER A 213 -21.55 1.81 1.24
N ASP A 214 -22.37 2.84 1.01
CA ASP A 214 -21.87 4.21 1.00
C ASP A 214 -21.06 4.50 2.24
N GLU A 215 -21.54 4.02 3.37
CA GLU A 215 -20.91 4.31 4.65
C GLU A 215 -20.27 3.07 5.25
N ASP A 216 -19.37 2.44 4.49
CA ASP A 216 -18.61 1.31 5.02
C ASP A 216 -17.39 1.85 5.77
N HIS A 217 -17.34 1.54 7.06
CA HIS A 217 -16.27 2.04 7.93
C HIS A 217 -15.15 1.01 8.12
N VAL A 218 -15.21 -0.09 7.36
CA VAL A 218 -14.22 -1.16 7.48
C VAL A 218 -13.44 -1.34 6.17
N VAL A 219 -14.18 -1.48 5.07
CA VAL A 219 -13.58 -1.61 3.76
C VAL A 219 -13.92 -0.33 2.98
N PRO A 220 -12.91 0.47 2.63
CA PRO A 220 -13.13 1.73 1.90
C PRO A 220 -13.99 1.52 0.67
N PRO A 221 -15.08 2.29 0.54
CA PRO A 221 -16.03 2.13 -0.57
C PRO A 221 -15.39 2.22 -1.95
N GLY A 222 -14.26 2.91 -2.06
CA GLY A 222 -13.52 2.99 -3.31
C GLY A 222 -13.03 1.65 -3.85
N ASN A 223 -12.99 0.63 -3.00
CA ASN A 223 -12.72 -0.73 -3.45
C ASN A 223 -13.64 -1.19 -4.58
N ALA A 224 -14.90 -0.77 -4.51
CA ALA A 224 -15.89 -1.15 -5.52
C ALA A 224 -15.51 -0.57 -6.89
N ASP A 225 -14.95 0.63 -6.89
CA ASP A 225 -14.47 1.25 -8.12
C ASP A 225 -13.24 0.55 -8.66
N ILE A 226 -12.32 0.19 -7.76
CA ILE A 226 -11.13 -0.55 -8.16
C ILE A 226 -11.50 -1.86 -8.84
N ILE A 227 -12.44 -2.58 -8.25
CA ILE A 227 -12.92 -3.85 -8.80
C ILE A 227 -13.64 -3.64 -10.13
N PHE A 228 -14.55 -2.67 -10.17
CA PHE A 228 -15.33 -2.36 -11.37
C PHE A 228 -14.39 -2.07 -12.54
N GLN A 229 -13.41 -1.20 -12.32
CA GLN A 229 -12.46 -0.83 -13.38
C GLN A 229 -11.46 -1.93 -13.75
N GLY A 230 -11.12 -2.78 -12.78
CA GLY A 230 -10.05 -3.73 -12.98
C GLY A 230 -10.46 -4.97 -13.74
N ILE A 231 -11.71 -5.40 -13.53
CA ILE A 231 -12.20 -6.61 -14.17
C ILE A 231 -12.45 -6.33 -15.66
N SER A 232 -12.48 -7.38 -16.46
CA SER A 232 -12.63 -7.24 -17.91
C SER A 232 -14.07 -7.51 -18.36
N SER A 233 -14.92 -7.87 -17.41
CA SER A 233 -16.33 -8.18 -17.69
C SER A 233 -17.04 -7.09 -18.49
N THR A 234 -17.81 -7.50 -19.51
CA THR A 234 -18.59 -6.56 -20.31
C THR A 234 -19.90 -6.20 -19.60
N GLU A 235 -20.44 -7.14 -18.84
CA GLU A 235 -21.63 -6.89 -18.04
C GLU A 235 -21.24 -6.70 -16.57
N LYS A 236 -21.18 -5.45 -16.13
CA LYS A 236 -20.83 -5.14 -14.74
C LYS A 236 -21.63 -3.92 -14.27
N GLU A 237 -21.96 -3.90 -12.99
CA GLU A 237 -22.77 -2.85 -12.39
C GLU A 237 -22.37 -2.69 -10.92
N ILE A 238 -22.35 -1.45 -10.43
CA ILE A 238 -22.22 -1.23 -9.00
C ILE A 238 -23.57 -0.79 -8.45
N VAL A 239 -24.03 -1.45 -7.39
CA VAL A 239 -25.24 -1.02 -6.69
C VAL A 239 -24.84 -0.46 -5.32
N ARG A 240 -25.24 0.78 -5.05
CA ARG A 240 -24.85 1.44 -3.80
C ARG A 240 -25.88 1.22 -2.71
N LEU A 241 -25.42 0.88 -1.50
CA LEU A 241 -26.33 0.62 -0.39
C LEU A 241 -26.34 1.85 0.52
N ARG A 242 -27.50 2.50 0.60
CA ARG A 242 -27.60 3.81 1.26
C ARG A 242 -27.97 3.67 2.74
N ASN A 243 -28.39 2.48 3.15
CA ASN A 243 -28.87 2.28 4.51
C ASN A 243 -28.15 1.17 5.26
N SER A 244 -26.89 0.92 4.89
CA SER A 244 -26.11 -0.13 5.54
C SER A 244 -24.66 0.32 5.75
N TYR A 245 -24.01 -0.30 6.74
CA TYR A 245 -22.57 -0.12 6.88
C TYR A 245 -21.92 -1.39 6.34
N HIS A 246 -20.77 -1.77 6.87
CA HIS A 246 -20.01 -2.88 6.30
C HIS A 246 -20.76 -4.20 6.17
N VAL A 247 -21.35 -4.68 7.26
CA VAL A 247 -22.02 -5.99 7.24
C VAL A 247 -23.42 -5.88 6.63
N ALA A 248 -23.45 -5.53 5.35
CA ALA A 248 -24.69 -5.20 4.66
C ALA A 248 -25.65 -6.39 4.57
N THR A 249 -25.10 -7.59 4.53
CA THR A 249 -25.92 -8.80 4.44
C THR A 249 -26.86 -8.99 5.64
N LEU A 250 -26.55 -8.37 6.76
CA LEU A 250 -27.39 -8.42 7.96
C LEU A 250 -28.07 -7.07 8.23
N ASP A 251 -27.76 -6.08 7.39
CA ASP A 251 -28.15 -4.69 7.65
C ASP A 251 -29.47 -4.35 6.95
N TYR A 252 -29.86 -3.07 7.01
CA TYR A 252 -31.16 -2.65 6.52
C TYR A 252 -31.38 -2.95 5.04
N ASP A 253 -30.30 -2.99 4.26
CA ASP A 253 -30.46 -3.25 2.82
C ASP A 253 -30.50 -4.72 2.43
N GLN A 254 -30.54 -5.60 3.44
CA GLN A 254 -30.58 -7.03 3.18
C GLN A 254 -31.63 -7.47 2.15
N PRO A 255 -32.89 -7.01 2.30
CA PRO A 255 -33.89 -7.51 1.35
C PRO A 255 -33.62 -7.07 -0.08
N MET A 256 -33.07 -5.88 -0.25
CA MET A 256 -32.72 -5.40 -1.57
C MET A 256 -31.54 -6.20 -2.16
N ILE A 257 -30.55 -6.52 -1.33
CA ILE A 257 -29.45 -7.37 -1.78
C ILE A 257 -29.98 -8.72 -2.31
N ILE A 258 -30.87 -9.34 -1.54
CA ILE A 258 -31.48 -10.61 -1.94
C ILE A 258 -32.28 -10.46 -3.23
N GLU A 259 -33.12 -9.43 -3.29
CA GLU A 259 -33.97 -9.23 -4.46
C GLU A 259 -33.15 -8.99 -5.73
N ARG A 260 -32.14 -8.12 -5.64
CA ARG A 260 -31.31 -7.81 -6.79
C ARG A 260 -30.45 -9.01 -7.21
N SER A 261 -29.95 -9.77 -6.24
CA SER A 261 -29.18 -10.97 -6.56
C SER A 261 -30.03 -12.03 -7.26
N LEU A 262 -31.24 -12.26 -6.77
CA LEU A 262 -32.17 -13.18 -7.42
C LEU A 262 -32.43 -12.79 -8.87
N GLU A 263 -32.59 -11.48 -9.11
CA GLU A 263 -32.79 -10.97 -10.46
C GLU A 263 -31.57 -11.28 -11.32
N PHE A 264 -30.39 -11.14 -10.72
CA PHE A 264 -29.13 -11.35 -11.43
C PHE A 264 -28.97 -12.83 -11.80
N PHE A 265 -29.24 -13.71 -10.83
CA PHE A 265 -29.14 -15.14 -11.06
C PHE A 265 -30.10 -15.57 -12.17
N ALA A 266 -31.35 -15.14 -12.08
CA ALA A 266 -32.37 -15.53 -13.05
C ALA A 266 -32.00 -15.07 -14.46
N LYS A 267 -31.44 -13.86 -14.55
CA LYS A 267 -31.10 -13.26 -15.83
C LYS A 267 -29.97 -14.03 -16.53
N HIS A 268 -29.13 -14.68 -15.75
CA HIS A 268 -27.94 -15.35 -16.30
C HIS A 268 -28.01 -16.89 -16.23
N ALA A 269 -29.04 -17.41 -15.57
CA ALA A 269 -29.27 -18.86 -15.47
C ALA A 269 -29.99 -19.40 -16.69
N SER B 22 8.83 25.11 -16.09
CA SER B 22 9.31 26.41 -15.60
C SER B 22 8.28 27.12 -14.71
N GLU B 23 8.72 27.56 -13.53
CA GLU B 23 7.82 28.22 -12.59
C GLU B 23 7.34 29.58 -13.10
N GLN B 24 6.07 29.89 -12.83
CA GLN B 24 5.49 31.14 -13.29
C GLN B 24 5.37 32.16 -12.17
N TYR B 25 5.49 31.69 -10.94
CA TYR B 25 5.42 32.56 -9.77
C TYR B 25 6.82 32.80 -9.19
N PRO B 26 7.00 33.92 -8.46
CA PRO B 26 8.32 34.22 -7.89
C PRO B 26 8.67 33.29 -6.72
N VAL B 27 9.97 33.03 -6.57
CA VAL B 27 10.46 32.29 -5.41
C VAL B 27 10.24 33.11 -4.15
N LEU B 28 9.57 32.54 -3.16
CA LEU B 28 9.27 33.26 -1.91
C LEU B 28 10.57 33.57 -1.15
N SER B 29 10.54 34.64 -0.36
CA SER B 29 11.71 35.02 0.44
C SER B 29 12.06 33.91 1.43
N GLY B 30 13.32 33.49 1.41
CA GLY B 30 13.77 32.41 2.27
C GLY B 30 13.68 31.06 1.58
N ALA B 31 13.11 31.03 0.39
CA ALA B 31 12.97 29.78 -0.36
C ALA B 31 14.02 29.63 -1.47
N GLU B 32 14.99 30.54 -1.49
CA GLU B 32 16.06 30.49 -2.50
C GLU B 32 17.01 29.32 -2.29
N PRO B 33 17.60 28.81 -3.38
CA PRO B 33 18.64 27.79 -3.22
C PRO B 33 19.81 28.41 -2.47
N PHE B 34 20.58 27.60 -1.76
CA PHE B 34 21.74 28.09 -1.02
C PHE B 34 22.99 27.32 -1.40
N TYR B 35 24.07 28.04 -1.70
CA TYR B 35 25.34 27.43 -2.00
C TYR B 35 26.40 28.03 -1.08
N ALA B 36 27.39 27.23 -0.70
CA ALA B 36 28.58 27.76 -0.03
C ALA B 36 29.78 26.92 -0.41
N GLU B 37 30.69 27.48 -1.19
CA GLU B 37 31.88 26.75 -1.57
C GLU B 37 32.95 26.90 -0.50
N ASN B 38 33.41 25.76 0.02
CA ASN B 38 34.47 25.74 1.02
C ASN B 38 35.41 24.60 0.69
N GLY B 39 35.56 23.68 1.64
CA GLY B 39 36.51 22.60 1.49
C GLY B 39 36.13 21.54 0.47
N PRO B 40 36.99 20.52 0.34
CA PRO B 40 36.92 19.36 -0.54
C PRO B 40 35.86 18.32 -0.18
N VAL B 41 35.22 18.49 0.98
CA VAL B 41 34.12 17.59 1.38
C VAL B 41 32.78 18.32 1.24
N GLY B 42 31.80 17.65 0.62
CA GLY B 42 30.55 18.32 0.32
C GLY B 42 29.34 17.69 0.99
N VAL B 43 28.34 18.52 1.25
CA VAL B 43 27.05 18.05 1.74
C VAL B 43 25.93 18.57 0.86
N LEU B 44 25.11 17.65 0.35
CA LEU B 44 23.92 18.00 -0.38
C LEU B 44 22.76 17.94 0.59
N LEU B 45 21.96 18.99 0.64
CA LEU B 45 20.82 19.02 1.56
C LEU B 45 19.52 19.11 0.77
N VAL B 46 18.58 18.21 1.05
CA VAL B 46 17.34 18.13 0.27
C VAL B 46 16.12 18.36 1.16
N HIS B 47 15.29 19.33 0.77
CA HIS B 47 14.06 19.62 1.53
C HIS B 47 12.91 18.74 1.08
N GLY B 48 11.76 18.92 1.72
CA GLY B 48 10.64 18.02 1.53
C GLY B 48 9.56 18.48 0.56
N PHE B 49 8.56 17.62 0.44
CA PHE B 49 7.40 17.76 -0.44
C PHE B 49 6.50 18.93 -0.03
N THR B 50 6.30 19.88 -0.95
CA THR B 50 5.62 21.17 -0.72
C THR B 50 6.40 22.13 0.16
N GLY B 51 7.61 21.72 0.56
CA GLY B 51 8.45 22.54 1.42
C GLY B 51 9.41 23.39 0.63
N THR B 52 10.40 23.97 1.31
CA THR B 52 11.37 24.86 0.68
C THR B 52 12.77 24.67 1.30
N PRO B 53 13.82 25.26 0.70
CA PRO B 53 15.14 25.20 1.34
C PRO B 53 15.13 25.73 2.78
N HIS B 54 14.15 26.55 3.14
CA HIS B 54 14.06 27.09 4.49
C HIS B 54 14.16 26.04 5.62
N SER B 55 13.62 24.85 5.40
CA SER B 55 13.64 23.78 6.42
C SER B 55 15.03 23.20 6.64
N MET B 56 15.92 23.36 5.66
CA MET B 56 17.26 22.80 5.74
C MET B 56 18.34 23.86 5.93
N ARG B 57 17.94 25.13 5.85
CA ARG B 57 18.91 26.24 5.93
C ARG B 57 19.81 26.26 7.18
N PRO B 58 19.22 26.08 8.39
CA PRO B 58 20.10 26.06 9.57
C PRO B 58 21.18 24.98 9.51
N LEU B 59 20.83 23.79 9.01
CA LEU B 59 21.80 22.70 8.82
C LEU B 59 22.88 23.12 7.80
N ALA B 60 22.44 23.59 6.63
CA ALA B 60 23.36 24.02 5.58
C ALA B 60 24.38 25.03 6.12
N GLU B 61 23.90 26.00 6.89
CA GLU B 61 24.80 27.06 7.39
C GLU B 61 25.77 26.52 8.43
N ALA B 62 25.31 25.59 9.26
CA ALA B 62 26.18 25.00 10.27
C ALA B 62 27.26 24.14 9.63
N TYR B 63 26.92 23.44 8.55
CA TYR B 63 27.89 22.57 7.89
C TYR B 63 28.87 23.41 7.09
N ALA B 64 28.41 24.54 6.57
CA ALA B 64 29.27 25.48 5.86
C ALA B 64 30.33 26.06 6.81
N LYS B 65 29.86 26.54 7.96
CA LYS B 65 30.73 27.07 9.01
C LYS B 65 31.79 26.05 9.43
N ALA B 66 31.42 24.77 9.45
CA ALA B 66 32.35 23.72 9.83
C ALA B 66 33.36 23.41 8.72
N GLY B 67 33.23 24.08 7.59
CA GLY B 67 34.18 23.93 6.50
C GLY B 67 33.75 23.05 5.35
N TYR B 68 32.48 22.65 5.35
CA TYR B 68 31.96 21.82 4.26
C TYR B 68 31.48 22.71 3.15
N THR B 69 31.69 22.26 1.92
CA THR B 69 31.02 22.86 0.79
C THR B 69 29.60 22.32 0.86
N VAL B 70 28.61 23.21 0.71
CA VAL B 70 27.21 22.78 0.84
C VAL B 70 26.37 23.20 -0.35
N CYS B 71 25.37 22.38 -0.69
CA CYS B 71 24.45 22.74 -1.75
C CYS B 71 23.05 22.36 -1.29
N LEU B 72 22.19 23.37 -1.21
CA LEU B 72 20.79 23.22 -0.80
C LEU B 72 19.90 23.70 -1.93
N PRO B 73 19.55 22.78 -2.85
CA PRO B 73 18.74 23.11 -4.02
C PRO B 73 17.30 23.50 -3.66
N ARG B 74 16.68 24.29 -4.54
CA ARG B 74 15.23 24.47 -4.50
C ARG B 74 14.60 23.50 -5.50
N LEU B 75 13.86 22.51 -5.01
CA LEU B 75 13.25 21.52 -5.89
C LEU B 75 12.32 22.20 -6.86
N LYS B 76 12.37 21.76 -8.12
CA LYS B 76 11.50 22.30 -9.17
C LYS B 76 10.05 22.33 -8.67
N GLY B 77 9.36 23.44 -8.92
CA GLY B 77 7.97 23.55 -8.54
C GLY B 77 7.74 23.94 -7.08
N HIS B 78 8.83 24.05 -6.30
CA HIS B 78 8.72 24.34 -4.87
C HIS B 78 9.13 25.77 -4.53
N GLY B 79 8.57 26.31 -3.45
CA GLY B 79 8.92 27.65 -3.01
C GLY B 79 8.38 28.78 -3.87
N THR B 80 7.46 28.46 -4.78
CA THR B 80 6.84 29.48 -5.61
C THR B 80 5.33 29.53 -5.38
N HIS B 81 4.60 28.59 -5.97
CA HIS B 81 3.15 28.51 -5.83
C HIS B 81 2.73 27.09 -6.13
N TYR B 82 1.66 26.62 -5.51
CA TYR B 82 1.28 25.24 -5.70
C TYR B 82 0.87 24.91 -7.15
N GLU B 83 0.46 25.92 -7.93
CA GLU B 83 0.15 25.65 -9.34
C GLU B 83 1.39 25.30 -10.14
N ASP B 84 2.54 25.84 -9.75
CA ASP B 84 3.81 25.48 -10.37
C ASP B 84 4.14 24.03 -10.03
N MET B 85 3.89 23.68 -8.78
CA MET B 85 4.19 22.34 -8.32
C MET B 85 3.39 21.27 -9.09
N GLU B 86 2.14 21.59 -9.41
CA GLU B 86 1.25 20.62 -10.04
C GLU B 86 1.82 20.12 -11.37
N ARG B 87 2.56 20.99 -12.05
CA ARG B 87 3.11 20.67 -13.37
C ARG B 87 4.36 19.77 -13.31
N THR B 88 4.90 19.58 -12.12
CA THR B 88 6.16 18.85 -11.98
C THR B 88 5.94 17.36 -11.72
N THR B 89 6.92 16.55 -12.11
CA THR B 89 6.89 15.13 -11.80
C THR B 89 8.00 14.85 -10.80
N PHE B 90 8.07 13.63 -10.27
CA PHE B 90 9.20 13.32 -9.40
C PHE B 90 10.54 13.35 -10.15
N HIS B 91 10.50 13.21 -11.47
CA HIS B 91 11.70 13.29 -12.27
C HIS B 91 12.27 14.70 -12.25
N ASP B 92 11.39 15.71 -12.11
CA ASP B 92 11.83 17.09 -11.98
C ASP B 92 12.52 17.32 -10.62
N TRP B 93 11.98 16.72 -9.56
CA TRP B 93 12.56 16.87 -8.22
C TRP B 93 13.91 16.16 -8.17
N VAL B 94 13.99 14.98 -8.78
CA VAL B 94 15.24 14.24 -8.91
C VAL B 94 16.29 15.07 -9.69
N ALA B 95 15.86 15.71 -10.78
CA ALA B 95 16.77 16.52 -11.58
C ALA B 95 17.36 17.68 -10.78
N SER B 96 16.55 18.28 -9.90
CA SER B 96 17.02 19.38 -9.06
C SER B 96 18.12 18.92 -8.12
N VAL B 97 17.96 17.71 -7.61
CA VAL B 97 18.93 17.14 -6.69
C VAL B 97 20.17 16.65 -7.44
N GLU B 98 19.96 16.05 -8.61
CA GLU B 98 21.08 15.67 -9.48
C GLU B 98 21.93 16.87 -9.91
N GLU B 99 21.28 18.01 -10.19
CA GLU B 99 22.00 19.26 -10.46
C GLU B 99 22.86 19.67 -9.28
N GLY B 100 22.31 19.58 -8.08
CA GLY B 100 23.05 19.95 -6.89
C GLY B 100 24.22 19.01 -6.64
N TYR B 101 23.96 17.73 -6.87
CA TYR B 101 24.99 16.70 -6.72
C TYR B 101 26.15 16.97 -7.67
N GLY B 102 25.83 17.25 -8.93
CA GLY B 102 26.84 17.58 -9.92
C GLY B 102 27.62 18.83 -9.58
N TRP B 103 26.94 19.83 -9.01
CA TRP B 103 27.61 21.05 -8.57
C TRP B 103 28.68 20.73 -7.51
N LEU B 104 28.34 19.83 -6.59
CA LEU B 104 29.27 19.41 -5.55
C LEU B 104 30.41 18.58 -6.14
N LYS B 105 30.09 17.71 -7.10
CA LYS B 105 31.09 16.80 -7.67
C LYS B 105 32.24 17.55 -8.35
N GLN B 106 31.93 18.70 -8.93
CA GLN B 106 32.96 19.57 -9.51
C GLN B 106 33.93 20.13 -8.46
N ARG B 107 33.44 20.32 -7.24
CA ARG B 107 34.19 21.04 -6.20
C ARG B 107 34.66 20.16 -5.04
N CYS B 108 34.10 18.95 -4.95
CA CYS B 108 34.36 18.10 -3.80
C CYS B 108 34.71 16.69 -4.23
N GLN B 109 35.59 16.06 -3.45
CA GLN B 109 36.02 14.71 -3.76
C GLN B 109 35.26 13.73 -2.87
N THR B 110 34.69 14.23 -1.78
CA THR B 110 33.83 13.42 -0.91
C THR B 110 32.46 14.09 -0.69
N ILE B 111 31.38 13.33 -0.81
CA ILE B 111 30.03 13.90 -0.77
C ILE B 111 29.05 13.13 0.13
N PHE B 112 28.37 13.86 1.00
CA PHE B 112 27.33 13.28 1.85
C PHE B 112 26.00 13.88 1.42
N VAL B 113 24.92 13.13 1.61
CA VAL B 113 23.58 13.61 1.27
C VAL B 113 22.67 13.48 2.49
N THR B 114 21.98 14.56 2.82
CA THR B 114 21.04 14.57 3.94
C THR B 114 19.73 15.20 3.48
N GLY B 115 18.61 14.75 4.01
CA GLY B 115 17.32 15.26 3.56
C GLY B 115 16.21 15.02 4.57
N LEU B 116 15.22 15.90 4.56
CA LEU B 116 14.06 15.77 5.44
C LEU B 116 12.83 15.31 4.66
N SER B 117 12.16 14.27 5.16
CA SER B 117 10.87 13.85 4.58
C SER B 117 11.09 13.33 3.15
N MET B 118 10.42 13.92 2.16
CA MET B 118 10.70 13.52 0.77
C MET B 118 12.15 13.82 0.41
N GLY B 119 12.74 14.80 1.09
CA GLY B 119 14.16 15.07 0.94
C GLY B 119 14.98 13.88 1.39
N GLY B 120 14.50 13.19 2.41
CA GLY B 120 15.09 11.92 2.82
C GLY B 120 14.85 10.85 1.77
N THR B 121 13.65 10.82 1.19
CA THR B 121 13.35 9.87 0.10
C THR B 121 14.35 10.04 -1.03
N LEU B 122 14.55 11.31 -1.43
CA LEU B 122 15.48 11.64 -2.50
C LEU B 122 16.94 11.36 -2.12
N THR B 123 17.25 11.44 -0.83
CA THR B 123 18.57 11.06 -0.33
C THR B 123 18.80 9.57 -0.62
N LEU B 124 17.80 8.75 -0.29
CA LEU B 124 17.86 7.32 -0.54
C LEU B 124 17.91 7.04 -2.05
N TYR B 125 17.08 7.74 -2.82
CA TYR B 125 17.04 7.59 -4.27
C TYR B 125 18.43 7.84 -4.88
N LEU B 126 19.07 8.93 -4.49
CA LEU B 126 20.43 9.24 -4.93
C LEU B 126 21.45 8.16 -4.58
N ALA B 127 21.45 7.69 -3.32
CA ALA B 127 22.39 6.67 -2.89
C ALA B 127 22.19 5.35 -3.65
N GLU B 128 20.96 5.11 -4.10
CA GLU B 128 20.66 3.92 -4.90
C GLU B 128 21.23 4.01 -6.31
N HIS B 129 21.52 5.25 -6.74
CA HIS B 129 22.04 5.50 -8.09
C HIS B 129 23.50 5.88 -8.09
N HIS B 130 24.02 6.30 -6.94
CA HIS B 130 25.39 6.80 -6.85
C HIS B 130 26.18 6.15 -5.70
N PRO B 131 26.80 4.98 -5.98
CA PRO B 131 27.57 4.22 -5.00
C PRO B 131 28.74 5.04 -4.46
N ASP B 132 29.13 6.07 -5.19
CA ASP B 132 30.25 6.91 -4.78
C ASP B 132 29.92 7.87 -3.62
N ILE B 133 28.64 7.99 -3.28
CA ILE B 133 28.24 8.81 -2.13
C ILE B 133 28.82 8.22 -0.84
N CYS B 134 29.43 9.07 -0.02
CA CYS B 134 30.19 8.64 1.14
C CYS B 134 29.33 8.15 2.30
N GLY B 135 28.15 8.74 2.44
CA GLY B 135 27.26 8.43 3.54
C GLY B 135 25.97 9.22 3.42
N ILE B 136 24.90 8.74 4.04
CA ILE B 136 23.62 9.42 3.97
C ILE B 136 23.03 9.69 5.35
N VAL B 137 22.30 10.80 5.45
CA VAL B 137 21.66 11.17 6.72
C VAL B 137 20.18 11.49 6.46
N PRO B 138 19.36 10.46 6.25
CA PRO B 138 17.94 10.76 6.02
C PRO B 138 17.25 11.11 7.34
N ILE B 139 16.36 12.09 7.30
CA ILE B 139 15.67 12.56 8.50
C ILE B 139 14.16 12.48 8.30
N ASN B 140 13.50 11.65 9.08
CA ASN B 140 12.07 11.33 8.84
C ASN B 140 11.76 11.06 7.36
N ALA B 141 12.64 10.29 6.72
CA ALA B 141 12.47 9.91 5.31
C ALA B 141 11.19 9.09 5.13
N ALA B 142 10.54 9.30 3.99
CA ALA B 142 9.28 8.62 3.71
C ALA B 142 9.46 7.58 2.58
N VAL B 143 9.19 6.30 2.88
CA VAL B 143 9.09 5.31 1.80
C VAL B 143 7.72 4.64 1.75
N ASP B 144 6.92 4.87 2.79
CA ASP B 144 5.59 4.26 2.89
C ASP B 144 4.67 5.18 3.69
N ILE B 145 3.72 5.80 3.00
CA ILE B 145 2.75 6.68 3.64
CA ILE B 145 2.75 6.66 3.65
C ILE B 145 1.33 6.21 3.33
N PRO B 146 0.79 5.30 4.16
CA PRO B 146 -0.54 4.71 3.95
C PRO B 146 -1.67 5.73 3.83
N ALA B 147 -1.53 6.90 4.44
CA ALA B 147 -2.55 7.94 4.39
C ALA B 147 -2.88 8.38 2.95
N ILE B 148 -1.89 8.28 2.07
CA ILE B 148 -2.13 8.59 0.66
C ILE B 148 -3.15 7.60 0.06
N ALA B 149 -2.89 6.30 0.18
CA ALA B 149 -3.84 5.31 -0.34
C ALA B 149 -5.21 5.45 0.33
N ALA B 150 -5.19 5.70 1.64
CA ALA B 150 -6.43 5.89 2.37
C ALA B 150 -7.27 7.00 1.76
N GLY B 151 -6.62 8.10 1.40
CA GLY B 151 -7.29 9.23 0.77
C GLY B 151 -7.83 8.91 -0.63
N MET B 152 -7.14 8.05 -1.36
CA MET B 152 -7.51 7.72 -2.74
C MET B 152 -8.59 6.62 -2.85
N THR B 153 -8.92 6.00 -1.72
CA THR B 153 -9.81 4.83 -1.68
C THR B 153 -11.13 5.12 -0.96
N GLY B 154 -11.29 6.36 -0.50
CA GLY B 154 -12.49 6.75 0.23
C GLY B 154 -13.78 6.65 -0.57
N GLY B 155 -13.67 6.66 -1.90
CA GLY B 155 -14.84 6.52 -2.75
C GLY B 155 -15.36 7.84 -3.29
N GLY B 156 -14.92 8.93 -2.69
CA GLY B 156 -15.39 10.24 -3.11
C GLY B 156 -14.58 10.80 -4.26
N GLU B 157 -15.14 11.78 -4.96
CA GLU B 157 -14.40 12.52 -5.96
C GLU B 157 -13.19 13.19 -5.32
N LEU B 158 -12.08 13.20 -6.05
CA LEU B 158 -10.83 13.75 -5.53
C LEU B 158 -10.64 15.16 -6.03
N PRO B 159 -10.52 16.14 -5.11
CA PRO B 159 -10.31 17.51 -5.58
C PRO B 159 -8.95 17.62 -6.28
N ARG B 160 -8.83 18.58 -7.19
CA ARG B 160 -7.57 18.82 -7.89
C ARG B 160 -6.51 19.33 -6.91
N TYR B 161 -6.93 20.16 -5.97
CA TYR B 161 -6.02 20.63 -4.92
C TYR B 161 -6.57 20.29 -3.53
N LEU B 162 -5.75 19.63 -2.72
CA LEU B 162 -6.15 19.32 -1.35
C LEU B 162 -5.64 20.36 -0.37
N ASP B 163 -6.45 20.69 0.63
CA ASP B 163 -5.99 21.59 1.68
C ASP B 163 -4.84 20.91 2.40
N SER B 164 -3.66 21.53 2.33
CA SER B 164 -2.44 20.89 2.80
C SER B 164 -2.45 20.54 4.28
N ILE B 165 -1.92 19.36 4.58
CA ILE B 165 -1.74 18.90 5.96
C ILE B 165 -0.70 19.81 6.63
N GLY B 166 -1.07 20.34 7.79
CA GLY B 166 -0.36 21.43 8.44
C GLY B 166 1.08 21.17 8.85
N SER B 167 1.69 22.20 9.42
CA SER B 167 3.07 22.08 9.90
C SER B 167 3.16 21.33 11.20
N ASP B 168 3.86 20.21 11.18
CA ASP B 168 3.96 19.33 12.33
C ASP B 168 5.24 19.66 13.11
N LEU B 169 5.14 20.63 14.01
CA LEU B 169 6.28 21.07 14.82
C LEU B 169 5.91 21.06 16.29
N LYS B 170 6.83 20.60 17.13
CA LYS B 170 6.59 20.58 18.56
C LYS B 170 6.80 21.98 19.13
N ASN B 171 7.86 22.64 18.68
CA ASN B 171 8.09 24.05 19.02
C ASN B 171 7.01 24.92 18.37
N PRO B 172 6.17 25.56 19.20
CA PRO B 172 5.04 26.37 18.71
C PRO B 172 5.48 27.68 18.05
N ASP B 173 6.66 28.18 18.40
CA ASP B 173 7.16 29.45 17.87
C ASP B 173 7.74 29.35 16.46
N VAL B 174 7.78 28.14 15.92
CA VAL B 174 8.36 27.90 14.60
C VAL B 174 7.26 27.75 13.54
N LYS B 175 7.43 28.42 12.40
CA LYS B 175 6.47 28.30 11.30
C LYS B 175 7.17 27.84 10.03
N GLU B 176 6.95 26.60 9.63
CA GLU B 176 7.55 26.05 8.41
C GLU B 176 6.93 26.70 7.18
N LEU B 177 7.77 26.98 6.19
CA LEU B 177 7.33 27.54 4.92
C LEU B 177 6.95 26.41 3.96
N ALA B 178 5.66 26.27 3.71
CA ALA B 178 5.14 25.24 2.81
C ALA B 178 3.84 25.69 2.16
N TYR B 179 3.46 25.03 1.07
CA TYR B 179 2.24 25.36 0.34
C TYR B 179 0.97 25.11 1.16
N GLU B 180 0.03 26.05 1.08
CA GLU B 180 -1.26 25.95 1.77
C GLU B 180 -2.10 24.83 1.17
N LYS B 181 -1.84 24.52 -0.11
CA LYS B 181 -2.58 23.49 -0.83
C LYS B 181 -1.62 22.53 -1.54
N THR B 182 -2.01 21.26 -1.59
CA THR B 182 -1.22 20.24 -2.25
C THR B 182 -1.96 19.73 -3.47
N PRO B 183 -1.31 19.80 -4.65
CA PRO B 183 -1.96 19.23 -5.85
C PRO B 183 -2.05 17.72 -5.74
N THR B 184 -3.23 17.19 -6.07
CA THR B 184 -3.47 15.76 -6.13
C THR B 184 -2.49 15.05 -7.04
N ALA B 185 -2.21 15.68 -8.18
CA ALA B 185 -1.27 15.11 -9.14
C ALA B 185 0.12 14.93 -8.53
N SER B 186 0.53 15.87 -7.68
CA SER B 186 1.84 15.82 -7.03
C SER B 186 1.91 14.70 -5.99
N LEU B 187 0.82 14.49 -5.27
CA LEU B 187 0.77 13.39 -4.30
C LEU B 187 0.92 12.04 -4.99
N LEU B 188 0.33 11.90 -6.18
CA LEU B 188 0.45 10.65 -6.94
C LEU B 188 1.89 10.48 -7.41
N GLN B 189 2.53 11.59 -7.77
CA GLN B 189 3.95 11.57 -8.11
C GLN B 189 4.82 11.13 -6.94
N LEU B 190 4.56 11.71 -5.77
CA LEU B 190 5.26 11.31 -4.55
C LEU B 190 5.14 9.82 -4.26
N ALA B 191 3.93 9.28 -4.38
CA ALA B 191 3.71 7.86 -4.09
C ALA B 191 4.53 6.99 -5.03
N ARG B 192 4.64 7.43 -6.29
CA ARG B 192 5.42 6.70 -7.28
C ARG B 192 6.91 6.77 -6.95
N LEU B 193 7.37 7.95 -6.57
CA LEU B 193 8.75 8.11 -6.12
C LEU B 193 9.07 7.18 -4.95
N MET B 194 8.17 7.13 -3.96
CA MET B 194 8.41 6.33 -2.77
C MET B 194 8.40 4.84 -3.06
N ALA B 195 7.50 4.42 -3.94
CA ALA B 195 7.38 3.00 -4.29
C ALA B 195 8.68 2.51 -4.91
N GLN B 196 9.20 3.27 -5.87
CA GLN B 196 10.46 2.95 -6.53
C GLN B 196 11.65 2.98 -5.57
N THR B 197 11.75 4.05 -4.78
CA THR B 197 12.84 4.17 -3.81
C THR B 197 12.83 3.01 -2.82
N LYS B 198 11.64 2.68 -2.30
CA LYS B 198 11.53 1.59 -1.32
C LYS B 198 11.93 0.26 -1.95
N ALA B 199 11.59 0.08 -3.23
CA ALA B 199 11.92 -1.16 -3.93
C ALA B 199 13.42 -1.41 -4.09
N LYS B 200 14.18 -0.32 -4.23
CA LYS B 200 15.61 -0.41 -4.54
C LYS B 200 16.53 -0.13 -3.34
N LEU B 201 16.00 -0.23 -2.13
CA LEU B 201 16.77 0.05 -0.91
C LEU B 201 18.03 -0.81 -0.78
N ASP B 202 17.95 -2.06 -1.24
CA ASP B 202 19.08 -2.98 -1.11
C ASP B 202 20.34 -2.53 -1.87
N ARG B 203 20.17 -1.57 -2.76
CA ARG B 203 21.32 -1.07 -3.51
C ARG B 203 22.19 -0.12 -2.68
N ILE B 204 21.64 0.40 -1.59
CA ILE B 204 22.39 1.31 -0.72
C ILE B 204 23.37 0.52 0.15
N VAL B 205 24.66 0.86 0.06
CA VAL B 205 25.70 0.21 0.88
C VAL B 205 26.52 1.21 1.70
N CYS B 206 26.45 2.49 1.35
CA CYS B 206 27.17 3.51 2.10
C CYS B 206 26.65 3.64 3.53
N PRO B 207 27.51 4.12 4.46
CA PRO B 207 27.11 4.34 5.85
C PRO B 207 25.85 5.20 5.97
N ALA B 208 24.99 4.87 6.93
CA ALA B 208 23.71 5.57 7.07
C ALA B 208 23.42 5.98 8.51
N LEU B 209 23.16 7.27 8.71
CA LEU B 209 22.69 7.77 9.99
C LEU B 209 21.22 8.15 9.79
N ILE B 210 20.31 7.36 10.36
CA ILE B 210 18.88 7.55 10.12
C ILE B 210 18.20 8.19 11.34
N PHE B 211 17.73 9.42 11.16
CA PHE B 211 17.00 10.10 12.23
C PHE B 211 15.50 9.88 12.12
N VAL B 212 14.83 9.66 13.25
CA VAL B 212 13.38 9.51 13.25
C VAL B 212 12.75 10.17 14.49
N SER B 213 11.72 10.97 14.25
CA SER B 213 10.99 11.58 15.35
C SER B 213 9.98 10.59 15.92
N ASP B 214 10.09 10.31 17.22
CA ASP B 214 9.16 9.40 17.89
C ASP B 214 7.73 9.80 17.62
N GLU B 215 7.48 11.10 17.63
CA GLU B 215 6.14 11.63 17.45
C GLU B 215 5.98 12.39 16.14
N ASP B 216 6.36 11.74 15.05
CA ASP B 216 6.12 12.28 13.72
C ASP B 216 4.65 11.99 13.36
N HIS B 217 3.89 13.04 13.10
CA HIS B 217 2.46 12.88 12.79
C HIS B 217 2.17 12.91 11.29
N VAL B 218 3.24 12.95 10.49
CA VAL B 218 3.12 13.04 9.03
C VAL B 218 3.67 11.78 8.36
N VAL B 219 4.91 11.43 8.71
CA VAL B 219 5.56 10.25 8.17
C VAL B 219 5.67 9.23 9.30
N PRO B 220 4.98 8.09 9.17
CA PRO B 220 5.00 7.09 10.25
C PRO B 220 6.43 6.69 10.65
N PRO B 221 6.74 6.77 11.96
CA PRO B 221 8.10 6.50 12.47
C PRO B 221 8.61 5.12 12.07
N GLY B 222 7.70 4.19 11.76
CA GLY B 222 8.10 2.89 11.27
C GLY B 222 8.88 2.90 9.96
N ASN B 223 8.76 3.99 9.19
CA ASN B 223 9.60 4.17 7.99
C ASN B 223 11.08 3.97 8.25
N ALA B 224 11.54 4.45 9.41
CA ALA B 224 12.95 4.32 9.78
C ALA B 224 13.37 2.85 9.88
N ASP B 225 12.46 2.00 10.36
CA ASP B 225 12.75 0.57 10.45
C ASP B 225 12.76 -0.07 9.06
N ILE B 226 11.84 0.38 8.21
CA ILE B 226 11.78 -0.09 6.83
C ILE B 226 13.09 0.20 6.10
N ILE B 227 13.57 1.43 6.27
CA ILE B 227 14.84 1.85 5.69
C ILE B 227 16.02 1.06 6.27
N PHE B 228 16.10 1.00 7.60
CA PHE B 228 17.20 0.32 8.29
C PHE B 228 17.32 -1.13 7.79
N GLN B 229 16.19 -1.84 7.76
CA GLN B 229 16.21 -3.24 7.32
C GLN B 229 16.43 -3.41 5.81
N GLY B 230 15.94 -2.46 5.03
CA GLY B 230 15.97 -2.57 3.58
C GLY B 230 17.33 -2.31 2.94
N ILE B 231 18.12 -1.43 3.53
CA ILE B 231 19.42 -1.10 2.96
C ILE B 231 20.45 -2.21 3.24
N SER B 232 21.49 -2.25 2.42
CA SER B 232 22.52 -3.28 2.55
C SER B 232 23.75 -2.76 3.28
N SER B 233 23.68 -1.50 3.71
CA SER B 233 24.77 -0.86 4.44
C SER B 233 25.18 -1.63 5.70
N THR B 234 26.49 -1.83 5.86
CA THR B 234 27.02 -2.51 7.05
C THR B 234 27.09 -1.57 8.25
N GLU B 235 27.35 -0.29 7.99
CA GLU B 235 27.35 0.73 9.02
C GLU B 235 26.07 1.54 8.96
N LYS B 236 25.12 1.22 9.84
CA LYS B 236 23.83 1.92 9.86
C LYS B 236 23.35 2.06 11.29
N GLU B 237 22.67 3.16 11.58
CA GLU B 237 22.20 3.44 12.93
C GLU B 237 20.90 4.22 12.84
N ILE B 238 19.97 3.93 13.75
CA ILE B 238 18.81 4.79 13.89
C ILE B 238 18.96 5.64 15.16
N VAL B 239 18.82 6.95 15.01
CA VAL B 239 18.83 7.86 16.15
C VAL B 239 17.43 8.44 16.36
N ARG B 240 16.91 8.28 17.58
CA ARG B 240 15.57 8.73 17.91
C ARG B 240 15.53 10.17 18.37
N LEU B 241 14.60 10.94 17.82
CA LEU B 241 14.40 12.32 18.26
C LEU B 241 13.18 12.36 19.19
N ARG B 242 13.41 12.70 20.46
CA ARG B 242 12.39 12.58 21.49
C ARG B 242 11.65 13.89 21.72
N ASN B 243 12.19 14.98 21.17
CA ASN B 243 11.66 16.31 21.45
C ASN B 243 11.22 17.02 20.19
N SER B 244 10.94 16.25 19.14
CA SER B 244 10.57 16.81 17.84
C SER B 244 9.38 16.10 17.19
N TYR B 245 8.67 16.83 16.33
CA TYR B 245 7.66 16.22 15.50
C TYR B 245 8.27 16.06 14.11
N HIS B 246 7.45 16.17 13.07
CA HIS B 246 7.96 15.87 11.74
C HIS B 246 9.09 16.77 11.25
N VAL B 247 8.89 18.08 11.33
CA VAL B 247 9.87 19.02 10.80
C VAL B 247 11.02 19.20 11.78
N ALA B 248 11.74 18.11 12.02
CA ALA B 248 12.76 18.03 13.06
C ALA B 248 13.92 19.00 12.86
N THR B 249 14.23 19.33 11.62
CA THR B 249 15.33 20.23 11.29
C THR B 249 15.12 21.66 11.82
N LEU B 250 13.88 21.99 12.15
CA LEU B 250 13.56 23.30 12.72
C LEU B 250 13.09 23.18 14.16
N ASP B 251 12.93 21.94 14.63
CA ASP B 251 12.34 21.65 15.94
C ASP B 251 13.40 21.63 17.04
N TYR B 252 12.98 21.27 18.25
CA TYR B 252 13.85 21.31 19.43
C TYR B 252 15.15 20.50 19.30
N ASP B 253 15.08 19.39 18.57
CA ASP B 253 16.25 18.53 18.41
C ASP B 253 17.24 18.97 17.33
N GLN B 254 17.01 20.13 16.74
CA GLN B 254 17.92 20.64 15.71
C GLN B 254 19.41 20.65 16.08
N PRO B 255 19.77 21.14 17.29
CA PRO B 255 21.21 21.11 17.64
C PRO B 255 21.83 19.70 17.61
N MET B 256 21.10 18.71 18.07
CA MET B 256 21.62 17.34 18.11
C MET B 256 21.72 16.71 16.72
N ILE B 257 20.74 16.98 15.86
CA ILE B 257 20.83 16.57 14.46
C ILE B 257 22.12 17.13 13.84
N ILE B 258 22.37 18.42 14.06
CA ILE B 258 23.59 19.06 13.57
C ILE B 258 24.85 18.43 14.16
N GLU B 259 24.88 18.29 15.48
CA GLU B 259 26.05 17.74 16.16
C GLU B 259 26.33 16.30 15.76
N ARG B 260 25.29 15.45 15.72
CA ARG B 260 25.50 14.06 15.35
C ARG B 260 25.90 13.91 13.88
N SER B 261 25.33 14.73 13.00
CA SER B 261 25.69 14.69 11.57
C SER B 261 27.16 15.10 11.36
N LEU B 262 27.58 16.15 12.05
CA LEU B 262 28.98 16.59 11.97
C LEU B 262 29.94 15.47 12.37
N GLU B 263 29.56 14.72 13.41
CA GLU B 263 30.38 13.59 13.88
C GLU B 263 30.41 12.51 12.80
N PHE B 264 29.27 12.29 12.15
CA PHE B 264 29.15 11.29 11.11
C PHE B 264 30.03 11.69 9.92
N PHE B 265 29.95 12.96 9.51
CA PHE B 265 30.74 13.47 8.39
C PHE B 265 32.24 13.34 8.69
N ALA B 266 32.62 13.76 9.89
CA ALA B 266 34.02 13.75 10.30
C ALA B 266 34.57 12.33 10.29
N LYS B 267 33.76 11.40 10.80
CA LYS B 267 34.16 10.01 10.90
C LYS B 267 34.43 9.36 9.53
N HIS B 268 33.71 9.81 8.51
CA HIS B 268 33.79 9.18 7.19
C HIS B 268 34.52 10.00 6.12
N ALA B 269 34.81 11.27 6.42
CA ALA B 269 35.58 12.11 5.50
C ALA B 269 37.09 11.91 5.69
N SER C 22 29.46 -9.72 17.07
CA SER C 22 29.80 -9.35 18.44
C SER C 22 28.68 -8.53 19.08
N GLU C 23 28.29 -8.91 20.31
CA GLU C 23 27.23 -8.23 21.05
C GLU C 23 27.67 -6.84 21.48
N GLN C 24 26.76 -5.87 21.37
CA GLN C 24 27.09 -4.48 21.66
C GLN C 24 26.55 -4.02 23.01
N TYR C 25 25.67 -4.82 23.58
CA TYR C 25 25.10 -4.54 24.90
C TYR C 25 25.66 -5.49 25.95
N PRO C 26 25.75 -5.04 27.21
CA PRO C 26 26.29 -5.90 28.27
C PRO C 26 25.28 -6.97 28.68
N VAL C 27 25.78 -8.06 29.26
CA VAL C 27 24.93 -9.15 29.73
C VAL C 27 24.08 -8.68 30.90
N LEU C 28 22.78 -8.93 30.84
CA LEU C 28 21.84 -8.56 31.89
C LEU C 28 22.07 -9.36 33.16
N SER C 29 21.78 -8.76 34.31
CA SER C 29 21.85 -9.46 35.58
C SER C 29 20.84 -10.61 35.57
N GLY C 30 21.31 -11.83 35.83
CA GLY C 30 20.44 -12.99 35.79
C GLY C 30 20.59 -13.82 34.52
N ALA C 31 21.28 -13.28 33.52
CA ALA C 31 21.41 -13.94 32.23
C ALA C 31 22.79 -14.59 32.05
N GLU C 32 23.58 -14.58 33.12
CA GLU C 32 24.93 -15.15 33.05
C GLU C 32 24.87 -16.67 32.85
N PRO C 33 25.83 -17.21 32.08
CA PRO C 33 25.97 -18.66 31.92
C PRO C 33 26.41 -19.29 33.24
N PHE C 34 26.15 -20.58 33.42
CA PHE C 34 26.46 -21.27 34.67
C PHE C 34 27.20 -22.56 34.38
N TYR C 35 28.30 -22.78 35.11
CA TYR C 35 29.08 -24.00 35.02
C TYR C 35 29.30 -24.57 36.41
N ALA C 36 29.22 -25.89 36.55
CA ALA C 36 29.70 -26.53 37.75
C ALA C 36 30.35 -27.85 37.38
N GLU C 37 31.56 -28.09 37.88
CA GLU C 37 32.16 -29.39 37.64
C GLU C 37 32.06 -30.27 38.88
N ASN C 38 31.44 -31.43 38.71
CA ASN C 38 31.35 -32.41 39.77
C ASN C 38 31.74 -33.76 39.20
N GLY C 39 30.80 -34.69 39.16
CA GLY C 39 31.09 -36.02 38.67
C GLY C 39 31.35 -36.12 37.18
N PRO C 40 31.59 -37.36 36.69
CA PRO C 40 31.94 -37.67 35.31
C PRO C 40 30.73 -37.80 34.38
N VAL C 41 29.53 -37.59 34.93
CA VAL C 41 28.33 -37.51 34.10
C VAL C 41 27.89 -36.04 33.98
N GLY C 42 27.63 -35.60 32.75
CA GLY C 42 27.35 -34.20 32.52
C GLY C 42 25.96 -33.95 31.95
N VAL C 43 25.43 -32.75 32.23
CA VAL C 43 24.16 -32.31 31.67
C VAL C 43 24.35 -30.94 31.05
N LEU C 44 23.96 -30.82 29.78
CA LEU C 44 23.94 -29.53 29.10
C LEU C 44 22.51 -29.03 29.15
N LEU C 45 22.32 -27.79 29.60
CA LEU C 45 20.99 -27.18 29.66
C LEU C 45 20.88 -26.00 28.71
N VAL C 46 19.87 -26.02 27.84
CA VAL C 46 19.73 -25.01 26.79
C VAL C 46 18.46 -24.19 26.98
N HIS C 47 18.59 -22.87 27.08
CA HIS C 47 17.41 -22.00 27.21
C HIS C 47 16.81 -21.67 25.85
N GLY C 48 15.71 -20.91 25.86
CA GLY C 48 14.95 -20.65 24.64
C GLY C 48 15.09 -19.29 23.97
N PHE C 49 14.31 -19.15 22.89
CA PHE C 49 14.31 -18.00 21.99
C PHE C 49 13.82 -16.73 22.68
N THR C 50 14.66 -15.69 22.63
CA THR C 50 14.51 -14.41 23.36
C THR C 50 14.69 -14.51 24.86
N GLY C 51 14.89 -15.73 25.36
CA GLY C 51 15.10 -15.95 26.78
C GLY C 51 16.55 -15.87 27.22
N THR C 52 16.82 -16.43 28.40
CA THR C 52 18.14 -16.36 29.03
C THR C 52 18.37 -17.62 29.87
N PRO C 53 19.63 -17.86 30.30
CA PRO C 53 19.89 -18.99 31.20
C PRO C 53 19.00 -19.02 32.44
N HIS C 54 18.36 -17.90 32.79
CA HIS C 54 17.56 -17.80 34.00
C HIS C 54 16.42 -18.83 34.09
N SER C 55 15.82 -19.16 32.94
CA SER C 55 14.72 -20.12 32.92
C SER C 55 15.16 -21.57 33.20
N MET C 56 16.46 -21.85 33.06
CA MET C 56 17.00 -23.20 33.26
C MET C 56 17.81 -23.31 34.53
N ARG C 57 18.07 -22.18 35.17
CA ARG C 57 18.94 -22.12 36.35
C ARG C 57 18.50 -23.04 37.51
N PRO C 58 17.19 -23.07 37.84
CA PRO C 58 16.79 -23.99 38.93
C PRO C 58 17.08 -25.46 38.62
N LEU C 59 16.96 -25.86 37.36
CA LEU C 59 17.28 -27.23 36.96
C LEU C 59 18.78 -27.49 37.08
N ALA C 60 19.56 -26.56 36.56
CA ALA C 60 21.02 -26.68 36.57
C ALA C 60 21.54 -26.84 38.00
N GLU C 61 20.96 -26.07 38.93
CA GLU C 61 21.41 -26.10 40.31
C GLU C 61 21.00 -27.41 40.98
N ALA C 62 19.79 -27.86 40.68
CA ALA C 62 19.32 -29.16 41.17
C ALA C 62 20.24 -30.29 40.71
N TYR C 63 20.60 -30.29 39.42
CA TYR C 63 21.44 -31.36 38.89
C TYR C 63 22.87 -31.29 39.44
N ALA C 64 23.42 -30.09 39.56
CA ALA C 64 24.72 -29.91 40.18
C ALA C 64 24.72 -30.43 41.63
N LYS C 65 23.65 -30.14 42.36
CA LYS C 65 23.51 -30.63 43.74
C LYS C 65 23.50 -32.16 43.83
N ALA C 66 22.96 -32.80 42.80
CA ALA C 66 22.86 -34.26 42.78
C ALA C 66 24.14 -34.89 42.25
N GLY C 67 25.16 -34.07 42.01
CA GLY C 67 26.47 -34.58 41.66
C GLY C 67 26.83 -34.59 40.18
N TYR C 68 25.99 -33.98 39.35
CA TYR C 68 26.27 -33.86 37.92
C TYR C 68 27.16 -32.66 37.62
N THR C 69 28.07 -32.83 36.67
CA THR C 69 28.73 -31.68 36.04
C THR C 69 27.67 -31.03 35.15
N VAL C 70 27.54 -29.71 35.22
CA VAL C 70 26.51 -29.02 34.42
CA VAL C 70 26.49 -28.99 34.49
C VAL C 70 27.06 -27.85 33.64
N CYS C 71 26.50 -27.64 32.45
CA CYS C 71 26.84 -26.50 31.62
C CYS C 71 25.54 -25.86 31.13
N LEU C 72 25.37 -24.59 31.47
CA LEU C 72 24.20 -23.82 31.06
C LEU C 72 24.70 -22.56 30.36
N PRO C 73 24.89 -22.65 29.03
CA PRO C 73 25.44 -21.50 28.31
C PRO C 73 24.43 -20.39 28.05
N ARG C 74 24.93 -19.21 27.71
CA ARG C 74 24.09 -18.11 27.24
C ARG C 74 24.15 -18.10 25.72
N LEU C 75 23.00 -18.21 25.07
CA LEU C 75 23.00 -18.21 23.60
C LEU C 75 23.42 -16.83 23.08
N LYS C 76 24.21 -16.84 22.02
CA LYS C 76 24.66 -15.59 21.41
C LYS C 76 23.47 -14.70 21.10
N GLY C 77 23.59 -13.41 21.41
CA GLY C 77 22.51 -12.45 21.16
C GLY C 77 21.41 -12.46 22.21
N HIS C 78 21.53 -13.38 23.17
CA HIS C 78 20.53 -13.50 24.23
C HIS C 78 21.01 -12.91 25.55
N GLY C 79 20.07 -12.37 26.33
CA GLY C 79 20.39 -11.80 27.62
C GLY C 79 21.22 -10.53 27.54
N THR C 80 21.18 -9.85 26.39
CA THR C 80 21.85 -8.56 26.24
C THR C 80 20.82 -7.52 25.81
N HIS C 81 20.41 -7.60 24.55
CA HIS C 81 19.43 -6.67 23.98
C HIS C 81 18.90 -7.29 22.69
N TYR C 82 17.63 -7.06 22.37
CA TYR C 82 17.06 -7.67 21.17
C TYR C 82 17.75 -7.21 19.87
N GLU C 83 18.40 -6.06 19.91
CA GLU C 83 19.14 -5.60 18.73
C GLU C 83 20.36 -6.48 18.44
N ASP C 84 20.98 -6.99 19.50
CA ASP C 84 22.05 -7.98 19.35
C ASP C 84 21.49 -9.27 18.78
N MET C 85 20.35 -9.68 19.31
CA MET C 85 19.69 -10.90 18.84
C MET C 85 19.38 -10.82 17.36
N GLU C 86 18.83 -9.67 16.96
CA GLU C 86 18.45 -9.43 15.58
C GLU C 86 19.62 -9.68 14.63
N ARG C 87 20.83 -9.42 15.13
CA ARG C 87 22.06 -9.57 14.34
C ARG C 87 22.57 -11.01 14.26
N THR C 88 22.07 -11.89 15.12
CA THR C 88 22.53 -13.27 15.12
C THR C 88 21.80 -14.13 14.09
N THR C 89 22.39 -15.28 13.77
CA THR C 89 21.72 -16.31 12.97
C THR C 89 21.52 -17.53 13.85
N PHE C 90 20.78 -18.52 13.36
CA PHE C 90 20.64 -19.74 14.17
C PHE C 90 21.97 -20.49 14.26
N HIS C 91 22.88 -20.20 13.34
CA HIS C 91 24.21 -20.81 13.37
C HIS C 91 24.98 -20.34 14.60
N ASP C 92 24.74 -19.09 15.02
CA ASP C 92 25.34 -18.58 16.26
C ASP C 92 24.79 -19.29 17.48
N TRP C 93 23.48 -19.56 17.49
CA TRP C 93 22.86 -20.26 18.60
C TRP C 93 23.33 -21.70 18.66
N VAL C 94 23.47 -22.34 17.49
CA VAL C 94 24.01 -23.70 17.41
C VAL C 94 25.45 -23.71 17.94
N ALA C 95 26.22 -22.70 17.56
CA ALA C 95 27.61 -22.60 18.01
C ALA C 95 27.71 -22.50 19.54
N SER C 96 26.80 -21.73 20.15
CA SER C 96 26.80 -21.56 21.60
C SER C 96 26.59 -22.89 22.31
N VAL C 97 25.69 -23.69 21.76
CA VAL C 97 25.34 -24.97 22.31
CA VAL C 97 25.40 -24.97 22.38
C VAL C 97 26.44 -26.02 22.02
N GLU C 98 27.02 -25.95 20.82
CA GLU C 98 28.14 -26.86 20.50
C GLU C 98 29.34 -26.60 21.40
N GLU C 99 29.60 -25.32 21.68
CA GLU C 99 30.68 -24.96 22.61
C GLU C 99 30.44 -25.55 24.00
N GLY C 100 29.20 -25.46 24.47
CA GLY C 100 28.85 -26.01 25.77
C GLY C 100 28.96 -27.52 25.79
N TYR C 101 28.56 -28.15 24.69
CA TYR C 101 28.71 -29.59 24.55
C TYR C 101 30.18 -29.99 24.64
N GLY C 102 31.03 -29.26 23.93
CA GLY C 102 32.47 -29.54 23.94
C GLY C 102 33.08 -29.35 25.31
N TRP C 103 32.59 -28.38 26.06
CA TRP C 103 33.06 -28.13 27.43
C TRP C 103 32.78 -29.33 28.32
N LEU C 104 31.59 -29.92 28.20
CA LEU C 104 31.25 -31.14 28.93
C LEU C 104 32.07 -32.34 28.46
N LYS C 105 32.30 -32.44 27.15
CA LYS C 105 33.06 -33.57 26.59
C LYS C 105 34.49 -33.65 27.13
N GLN C 106 35.07 -32.49 27.42
CA GLN C 106 36.41 -32.41 28.02
C GLN C 106 36.44 -33.07 29.37
N ARG C 107 35.27 -33.17 30.01
CA ARG C 107 35.17 -33.47 31.43
C ARG C 107 34.31 -34.69 31.72
N CYS C 108 33.46 -35.08 30.77
CA CYS C 108 32.49 -36.14 31.00
C CYS C 108 32.47 -37.20 29.90
N GLN C 109 32.38 -38.45 30.32
CA GLN C 109 32.29 -39.57 29.39
C GLN C 109 30.83 -39.91 29.08
N THR C 110 29.93 -39.34 29.88
CA THR C 110 28.48 -39.52 29.69
C THR C 110 27.80 -38.15 29.73
N ILE C 111 27.02 -37.84 28.70
CA ILE C 111 26.41 -36.52 28.58
C ILE C 111 24.92 -36.59 28.26
N PHE C 112 24.13 -35.84 29.02
CA PHE C 112 22.71 -35.67 28.72
C PHE C 112 22.48 -34.23 28.30
N VAL C 113 21.48 -34.01 27.45
CA VAL C 113 21.12 -32.65 27.04
C VAL C 113 19.64 -32.42 27.33
N THR C 114 19.32 -31.27 27.90
CA THR C 114 17.94 -30.89 28.17
C THR C 114 17.75 -29.43 27.76
N GLY C 115 16.55 -29.06 27.35
CA GLY C 115 16.32 -27.71 26.89
C GLY C 115 14.85 -27.33 26.84
N LEU C 116 14.59 -26.03 27.00
CA LEU C 116 13.22 -25.52 26.94
C LEU C 116 12.96 -24.76 25.65
N SER C 117 11.88 -25.14 24.96
CA SER C 117 11.42 -24.42 23.77
C SER C 117 12.43 -24.56 22.63
N MET C 118 13.01 -23.45 22.16
CA MET C 118 14.07 -23.55 21.16
C MET C 118 15.28 -24.27 21.79
N GLY C 119 15.36 -24.21 23.11
CA GLY C 119 16.38 -24.94 23.84
C GLY C 119 16.17 -26.43 23.63
N GLY C 120 14.90 -26.82 23.49
CA GLY C 120 14.53 -28.19 23.15
C GLY C 120 14.83 -28.49 21.68
N THR C 121 14.60 -27.52 20.82
CA THR C 121 14.96 -27.68 19.41
C THR C 121 16.45 -27.96 19.27
N LEU C 122 17.26 -27.22 20.01
CA LEU C 122 18.72 -27.36 19.97
C LEU C 122 19.19 -28.65 20.63
N THR C 123 18.44 -29.12 21.62
CA THR C 123 18.66 -30.43 22.23
C THR C 123 18.53 -31.53 21.17
N LEU C 124 17.44 -31.47 20.39
CA LEU C 124 17.18 -32.41 19.31
C LEU C 124 18.28 -32.30 18.24
N TYR C 125 18.63 -31.07 17.88
CA TYR C 125 19.70 -30.82 16.91
C TYR C 125 21.01 -31.48 17.33
N LEU C 126 21.40 -31.30 18.59
CA LEU C 126 22.62 -31.94 19.09
C LEU C 126 22.56 -33.46 19.03
N ALA C 127 21.40 -34.03 19.36
CA ALA C 127 21.26 -35.48 19.37
C ALA C 127 21.33 -36.01 17.95
N GLU C 128 20.96 -35.16 16.99
CA GLU C 128 21.05 -35.52 15.58
C GLU C 128 22.51 -35.55 15.09
N HIS C 129 23.34 -34.70 15.69
CA HIS C 129 24.73 -34.58 15.26
C HIS C 129 25.70 -35.34 16.15
N HIS C 130 25.25 -35.73 17.34
CA HIS C 130 26.11 -36.44 18.29
C HIS C 130 25.44 -37.69 18.84
N PRO C 131 25.59 -38.83 18.13
CA PRO C 131 25.00 -40.11 18.53
C PRO C 131 25.51 -40.60 19.89
N ASP C 132 26.70 -40.14 20.29
CA ASP C 132 27.26 -40.48 21.59
C ASP C 132 26.34 -40.12 22.76
N ILE C 133 25.54 -39.08 22.58
CA ILE C 133 24.72 -38.51 23.65
C ILE C 133 23.87 -39.56 24.37
N CYS C 134 23.96 -39.60 25.69
CA CYS C 134 23.40 -40.69 26.49
C CYS C 134 21.87 -40.62 26.56
N GLY C 135 21.33 -39.41 26.51
CA GLY C 135 19.88 -39.25 26.50
C GLY C 135 19.50 -37.79 26.40
N ILE C 136 18.26 -37.53 25.99
CA ILE C 136 17.79 -36.15 25.90
C ILE C 136 16.51 -35.92 26.68
N VAL C 137 16.34 -34.68 27.16
CA VAL C 137 15.11 -34.31 27.84
C VAL C 137 14.62 -32.98 27.27
N PRO C 138 13.99 -33.02 26.08
CA PRO C 138 13.42 -31.78 25.57
C PRO C 138 12.11 -31.42 26.28
N ILE C 139 11.93 -30.12 26.53
CA ILE C 139 10.77 -29.60 27.26
C ILE C 139 10.09 -28.56 26.38
N ASN C 140 8.84 -28.84 25.99
CA ASN C 140 8.14 -28.01 25.01
C ASN C 140 9.00 -27.62 23.81
N ALA C 141 9.77 -28.60 23.31
CA ALA C 141 10.65 -28.37 22.15
C ALA C 141 9.85 -27.97 20.92
N ALA C 142 10.39 -27.02 20.15
CA ALA C 142 9.71 -26.51 18.97
C ALA C 142 10.24 -27.12 17.68
N VAL C 143 9.38 -27.79 16.92
CA VAL C 143 9.74 -28.28 15.58
C VAL C 143 8.79 -27.81 14.46
N ASP C 144 7.59 -27.35 14.83
CA ASP C 144 6.60 -26.93 13.83
C ASP C 144 5.64 -25.94 14.47
N ILE C 145 5.71 -24.67 14.05
CA ILE C 145 4.85 -23.64 14.61
C ILE C 145 4.11 -22.88 13.50
N PRO C 146 2.89 -23.34 13.16
CA PRO C 146 2.16 -22.81 12.00
C PRO C 146 1.95 -21.30 12.05
N ALA C 147 1.85 -20.74 13.25
CA ALA C 147 1.69 -19.29 13.38
C ALA C 147 2.87 -18.51 12.78
N ILE C 148 4.08 -19.03 12.96
CA ILE C 148 5.26 -18.41 12.36
C ILE C 148 5.22 -18.52 10.83
N ALA C 149 4.95 -19.72 10.33
CA ALA C 149 4.81 -19.92 8.88
C ALA C 149 3.77 -18.95 8.28
N ALA C 150 2.58 -18.90 8.89
CA ALA C 150 1.53 -18.01 8.42
C ALA C 150 1.96 -16.53 8.44
N GLY C 151 2.63 -16.10 9.51
CA GLY C 151 3.05 -14.71 9.62
C GLY C 151 4.17 -14.32 8.67
N MET C 152 5.13 -15.23 8.50
CA MET C 152 6.37 -14.93 7.79
C MET C 152 6.33 -15.19 6.28
N THR C 153 5.53 -16.17 5.85
CA THR C 153 5.56 -16.62 4.46
C THR C 153 4.49 -15.96 3.60
N GLY C 154 4.80 -15.73 2.33
CA GLY C 154 3.81 -15.25 1.38
C GLY C 154 4.10 -13.92 0.70
N GLY C 155 5.13 -13.22 1.18
CA GLY C 155 5.54 -11.98 0.56
C GLY C 155 5.06 -10.71 1.25
N GLY C 156 5.46 -9.57 0.72
CA GLY C 156 5.07 -8.27 1.26
C GLY C 156 5.93 -7.81 2.42
N GLU C 157 5.58 -6.66 2.99
CA GLU C 157 6.33 -6.07 4.11
C GLU C 157 6.07 -6.82 5.42
N LEU C 158 7.13 -7.00 6.22
CA LEU C 158 7.01 -7.58 7.56
C LEU C 158 7.38 -6.53 8.60
N PRO C 159 6.59 -6.42 9.69
CA PRO C 159 6.98 -5.48 10.75
C PRO C 159 8.31 -5.93 11.34
N ARG C 160 9.16 -5.00 11.75
CA ARG C 160 10.47 -5.36 12.27
C ARG C 160 10.40 -6.12 13.61
N TYR C 161 9.43 -5.74 14.44
CA TYR C 161 9.31 -6.32 15.78
C TYR C 161 7.88 -6.76 16.11
N LEU C 162 7.76 -7.87 16.85
CA LEU C 162 6.52 -8.23 17.53
C LEU C 162 6.66 -7.88 19.00
N ASP C 163 5.57 -8.02 19.75
CA ASP C 163 5.59 -7.95 21.21
C ASP C 163 6.36 -9.11 21.82
N SER C 164 6.60 -9.04 23.13
CA SER C 164 7.28 -10.12 23.85
C SER C 164 6.49 -11.42 23.76
N ILE C 165 7.19 -12.54 23.62
CA ILE C 165 6.56 -13.87 23.64
C ILE C 165 6.84 -14.62 24.94
N GLY C 166 7.55 -13.97 25.86
CA GLY C 166 7.93 -14.58 27.12
C GLY C 166 6.85 -14.58 28.20
N SER C 167 7.10 -15.32 29.28
CA SER C 167 6.19 -15.39 30.42
C SER C 167 4.80 -15.99 30.16
N ASP C 168 4.70 -16.94 29.24
CA ASP C 168 3.50 -17.78 29.18
C ASP C 168 3.57 -18.74 30.36
N LEU C 169 3.06 -18.29 31.50
CA LEU C 169 3.18 -19.01 32.77
C LEU C 169 1.82 -19.12 33.46
N LYS C 170 1.52 -20.32 33.95
CA LYS C 170 0.28 -20.51 34.68
C LYS C 170 0.36 -19.85 36.05
N ASN C 171 1.52 -19.94 36.68
CA ASN C 171 1.79 -19.27 37.94
C ASN C 171 2.04 -17.77 37.73
N PRO C 172 1.11 -16.93 38.20
CA PRO C 172 1.16 -15.47 38.00
C PRO C 172 2.15 -14.77 38.92
N ASP C 173 2.75 -15.50 39.86
CA ASP C 173 3.77 -14.92 40.74
C ASP C 173 5.16 -14.94 40.09
N VAL C 174 5.23 -15.43 38.86
CA VAL C 174 6.51 -15.60 38.18
C VAL C 174 6.57 -14.85 36.84
N LYS C 175 7.67 -14.14 36.63
CA LYS C 175 7.96 -13.56 35.32
C LYS C 175 9.24 -14.18 34.77
N GLU C 176 9.27 -14.41 33.47
CA GLU C 176 10.45 -14.89 32.78
C GLU C 176 11.26 -13.67 32.33
N LEU C 177 12.58 -13.76 32.44
CA LEU C 177 13.47 -12.74 31.90
C LEU C 177 13.57 -13.01 30.41
N ALA C 178 12.94 -12.16 29.62
CA ALA C 178 12.92 -12.30 28.16
C ALA C 178 12.78 -10.94 27.50
N TYR C 179 13.25 -10.85 26.26
CA TYR C 179 13.17 -9.58 25.52
C TYR C 179 11.74 -9.07 25.37
N GLU C 180 11.58 -7.75 25.46
CA GLU C 180 10.24 -7.15 25.40
C GLU C 180 9.81 -6.96 23.95
N LYS C 181 10.76 -7.11 23.02
CA LYS C 181 10.43 -7.18 21.59
C LYS C 181 11.02 -8.43 20.95
N THR C 182 10.25 -9.01 20.02
CA THR C 182 10.69 -10.17 19.27
C THR C 182 11.04 -9.75 17.85
N PRO C 183 12.32 -9.87 17.47
CA PRO C 183 12.71 -9.49 16.11
C PRO C 183 12.20 -10.47 15.05
N THR C 184 11.50 -10.00 14.03
CA THR C 184 10.97 -10.93 13.02
C THR C 184 12.08 -11.56 12.19
N ALA C 185 13.19 -10.86 12.04
CA ALA C 185 14.38 -11.43 11.42
C ALA C 185 14.85 -12.69 12.17
N SER C 186 14.70 -12.68 13.50
CA SER C 186 15.08 -13.82 14.32
C SER C 186 14.06 -14.97 14.21
N LEU C 187 12.80 -14.64 13.95
CA LEU C 187 11.81 -15.69 13.68
C LEU C 187 12.16 -16.49 12.44
N LEU C 188 12.69 -15.81 11.43
CA LEU C 188 13.15 -16.46 10.19
C LEU C 188 14.26 -17.45 10.50
N GLN C 189 15.17 -17.05 11.38
CA GLN C 189 16.27 -17.90 11.79
C GLN C 189 15.73 -19.12 12.55
N LEU C 190 14.78 -18.87 13.45
CA LEU C 190 14.19 -19.96 14.21
C LEU C 190 13.45 -20.93 13.29
N ALA C 191 12.76 -20.39 12.28
CA ALA C 191 12.01 -21.24 11.36
C ALA C 191 12.96 -22.20 10.63
N ARG C 192 14.11 -21.68 10.21
CA ARG C 192 15.11 -22.47 9.48
C ARG C 192 15.71 -23.54 10.38
N LEU C 193 16.02 -23.16 11.61
CA LEU C 193 16.52 -24.13 12.59
C LEU C 193 15.49 -25.24 12.82
N MET C 194 14.22 -24.87 12.96
CA MET C 194 13.20 -25.87 13.21
C MET C 194 13.04 -26.82 12.04
N ALA C 195 13.15 -26.29 10.82
CA ALA C 195 12.90 -27.09 9.63
C ALA C 195 13.99 -28.15 9.47
N GLN C 196 15.23 -27.73 9.73
CA GLN C 196 16.39 -28.61 9.67
C GLN C 196 16.31 -29.69 10.74
N THR C 197 16.01 -29.26 11.96
CA THR C 197 15.89 -30.18 13.09
C THR C 197 14.76 -31.17 12.87
N LYS C 198 13.61 -30.69 12.41
CA LYS C 198 12.49 -31.59 12.13
C LYS C 198 12.83 -32.65 11.08
N ALA C 199 13.52 -32.22 10.02
CA ALA C 199 13.85 -33.08 8.89
C ALA C 199 14.73 -34.27 9.27
N LYS C 200 15.56 -34.10 10.30
CA LYS C 200 16.53 -35.13 10.65
C LYS C 200 16.28 -35.80 11.99
N LEU C 201 15.01 -35.81 12.44
CA LEU C 201 14.66 -36.45 13.71
C LEU C 201 14.99 -37.95 13.71
N ASP C 202 14.92 -38.59 12.54
CA ASP C 202 15.19 -40.03 12.46
C ASP C 202 16.64 -40.42 12.80
N ARG C 203 17.53 -39.43 12.87
CA ARG C 203 18.92 -39.71 13.26
C ARG C 203 19.08 -39.85 14.76
N ILE C 204 18.07 -39.43 15.51
CA ILE C 204 18.13 -39.55 16.97
C ILE C 204 17.77 -40.96 17.41
N VAL C 205 18.66 -41.58 18.18
CA VAL C 205 18.46 -42.96 18.65
C VAL C 205 18.60 -43.10 20.17
N CYS C 206 19.10 -42.07 20.83
CA CYS C 206 19.29 -42.13 22.28
C CYS C 206 17.96 -42.08 23.02
N PRO C 207 17.94 -42.54 24.28
CA PRO C 207 16.73 -42.47 25.11
C PRO C 207 16.20 -41.04 25.20
N ALA C 208 14.88 -40.90 25.20
CA ALA C 208 14.26 -39.58 25.22
C ALA C 208 13.13 -39.48 26.23
N LEU C 209 13.17 -38.41 27.01
CA LEU C 209 12.10 -38.07 27.94
C LEU C 209 11.54 -36.75 27.45
N ILE C 210 10.36 -36.78 26.83
CA ILE C 210 9.79 -35.61 26.18
C ILE C 210 8.70 -35.00 27.05
N PHE C 211 8.99 -33.84 27.64
CA PHE C 211 7.99 -33.13 28.44
C PHE C 211 7.18 -32.23 27.53
N VAL C 212 5.89 -32.15 27.83
CA VAL C 212 5.00 -31.25 27.09
C VAL C 212 3.92 -30.68 28.02
N SER C 213 3.72 -29.38 27.95
CA SER C 213 2.66 -28.74 28.70
C SER C 213 1.34 -29.00 28.00
N ASP C 214 0.35 -29.50 28.74
CA ASP C 214 -0.96 -29.81 28.16
C ASP C 214 -1.55 -28.58 27.48
N GLU C 215 -1.36 -27.43 28.12
CA GLU C 215 -1.65 -26.15 27.50
C GLU C 215 -0.33 -25.41 27.31
N ASP C 216 0.00 -25.09 26.08
CA ASP C 216 1.16 -24.27 25.78
C ASP C 216 0.68 -23.29 24.73
N HIS C 217 0.74 -22.00 25.04
CA HIS C 217 0.20 -20.97 24.15
C HIS C 217 1.27 -20.44 23.19
N VAL C 218 2.47 -21.00 23.28
CA VAL C 218 3.59 -20.55 22.46
C VAL C 218 4.02 -21.63 21.46
N VAL C 219 4.37 -22.80 21.97
CA VAL C 219 4.69 -23.94 21.12
C VAL C 219 3.55 -24.96 21.20
N PRO C 220 2.95 -25.31 20.05
CA PRO C 220 1.83 -26.28 20.07
C PRO C 220 2.23 -27.59 20.74
N PRO C 221 1.41 -28.05 21.69
CA PRO C 221 1.76 -29.31 22.37
C PRO C 221 1.84 -30.50 21.42
N GLY C 222 1.19 -30.42 20.26
CA GLY C 222 1.33 -31.43 19.24
C GLY C 222 2.76 -31.67 18.76
N ASN C 223 3.66 -30.72 19.04
CA ASN C 223 5.05 -30.90 18.66
C ASN C 223 5.66 -32.13 19.35
N ALA C 224 5.16 -32.44 20.56
CA ALA C 224 5.67 -33.57 21.32
C ALA C 224 5.45 -34.87 20.55
N ASP C 225 4.30 -34.97 19.90
CA ASP C 225 3.94 -36.13 19.07
C ASP C 225 4.77 -36.21 17.79
N ILE C 226 5.05 -35.08 17.18
CA ILE C 226 5.91 -35.04 16.01
C ILE C 226 7.30 -35.56 16.36
N ILE C 227 7.82 -35.09 17.50
CA ILE C 227 9.12 -35.54 18.00
C ILE C 227 9.08 -37.05 18.31
N PHE C 228 8.08 -37.47 19.07
CA PHE C 228 7.96 -38.87 19.49
C PHE C 228 7.95 -39.83 18.30
N GLN C 229 7.16 -39.50 17.27
CA GLN C 229 7.03 -40.36 16.10
C GLN C 229 8.24 -40.24 15.17
N GLY C 230 8.85 -39.06 15.13
CA GLY C 230 9.94 -38.80 14.21
C GLY C 230 11.30 -39.39 14.58
N ILE C 231 11.58 -39.51 15.88
CA ILE C 231 12.85 -40.08 16.32
C ILE C 231 12.89 -41.61 16.14
N SER C 232 14.10 -42.15 16.01
CA SER C 232 14.29 -43.59 15.88
C SER C 232 14.54 -44.28 17.21
N SER C 233 14.73 -43.48 18.27
CA SER C 233 14.89 -44.00 19.63
C SER C 233 13.88 -45.10 19.99
N THR C 234 14.36 -46.15 20.66
CA THR C 234 13.47 -47.23 21.13
C THR C 234 12.98 -46.93 22.53
N GLU C 235 13.80 -46.22 23.30
CA GLU C 235 13.42 -45.82 24.65
C GLU C 235 12.94 -44.37 24.60
N LYS C 236 11.62 -44.19 24.55
CA LYS C 236 11.03 -42.86 24.46
C LYS C 236 9.69 -42.81 25.18
N GLU C 237 9.33 -41.63 25.67
CA GLU C 237 8.05 -41.44 26.33
C GLU C 237 7.71 -39.96 26.34
N ILE C 238 6.42 -39.64 26.28
CA ILE C 238 5.96 -38.28 26.45
C ILE C 238 5.34 -38.15 27.85
N VAL C 239 5.78 -37.16 28.61
CA VAL C 239 5.20 -36.88 29.91
C VAL C 239 4.47 -35.56 29.79
N ARG C 240 3.16 -35.59 29.98
CA ARG C 240 2.33 -34.39 29.87
C ARG C 240 2.32 -33.66 31.21
N LEU C 241 2.52 -32.36 31.16
CA LEU C 241 2.48 -31.52 32.36
C LEU C 241 1.13 -30.81 32.41
N ARG C 242 0.40 -31.03 33.50
CA ARG C 242 -0.99 -30.61 33.57
C ARG C 242 -1.20 -29.28 34.30
N ASN C 243 -0.14 -28.75 34.91
CA ASN C 243 -0.27 -27.48 35.62
C ASN C 243 0.75 -26.44 35.17
N SER C 244 1.12 -26.48 33.89
CA SER C 244 2.09 -25.52 33.36
C SER C 244 1.67 -25.01 31.99
N TYR C 245 2.06 -23.77 31.70
CA TYR C 245 1.99 -23.27 30.34
C TYR C 245 3.38 -23.46 29.72
N HIS C 246 3.77 -22.59 28.81
CA HIS C 246 4.99 -22.80 28.05
C HIS C 246 6.28 -22.87 28.88
N VAL C 247 6.47 -21.93 29.80
CA VAL C 247 7.73 -21.83 30.52
C VAL C 247 7.74 -22.82 31.69
N ALA C 248 7.67 -24.11 31.36
CA ALA C 248 7.43 -25.16 32.35
C ALA C 248 8.50 -25.28 33.43
N THR C 249 9.74 -24.93 33.09
CA THR C 249 10.86 -25.03 34.04
C THR C 249 10.74 -24.04 35.20
N LEU C 250 9.87 -23.04 35.05
CA LEU C 250 9.66 -22.04 36.09
C LEU C 250 8.25 -22.14 36.66
N ASP C 251 7.43 -23.00 36.06
CA ASP C 251 6.00 -23.07 36.37
C ASP C 251 5.73 -24.10 37.47
N TYR C 252 4.47 -24.38 37.74
CA TYR C 252 4.09 -25.24 38.86
C TYR C 252 4.69 -26.65 38.81
N ASP C 253 4.90 -27.16 37.59
CA ASP C 253 5.42 -28.51 37.41
C ASP C 253 6.94 -28.61 37.41
N GLN C 254 7.62 -27.52 37.77
CA GLN C 254 9.07 -27.55 37.91
C GLN C 254 9.63 -28.73 38.74
N PRO C 255 9.08 -28.99 39.94
CA PRO C 255 9.67 -30.08 40.72
C PRO C 255 9.54 -31.43 40.03
N MET C 256 8.45 -31.64 39.32
CA MET C 256 8.26 -32.89 38.59
C MET C 256 9.24 -33.02 37.43
N ILE C 257 9.52 -31.91 36.75
CA ILE C 257 10.52 -31.90 35.68
C ILE C 257 11.88 -32.30 36.23
N ILE C 258 12.28 -31.67 37.34
CA ILE C 258 13.56 -31.94 37.98
C ILE C 258 13.63 -33.39 38.48
N GLU C 259 12.59 -33.84 39.17
CA GLU C 259 12.62 -35.17 39.78
C GLU C 259 12.68 -36.28 38.73
N ARG C 260 11.83 -36.19 37.71
CA ARG C 260 11.79 -37.20 36.66
C ARG C 260 13.05 -37.18 35.81
N SER C 261 13.60 -35.99 35.56
CA SER C 261 14.89 -35.89 34.85
C SER C 261 16.01 -36.60 35.62
N LEU C 262 16.08 -36.39 36.93
CA LEU C 262 17.08 -37.07 37.74
C LEU C 262 16.94 -38.60 37.67
N GLU C 263 15.70 -39.10 37.66
CA GLU C 263 15.51 -40.55 37.57
C GLU C 263 16.01 -41.04 36.22
N PHE C 264 15.68 -40.28 35.18
CA PHE C 264 16.12 -40.55 33.81
C PHE C 264 17.64 -40.59 33.69
N PHE C 265 18.33 -39.57 34.24
CA PHE C 265 19.81 -39.56 34.24
C PHE C 265 20.36 -40.77 34.96
N ALA C 266 19.79 -41.05 36.14
CA ALA C 266 20.29 -42.15 36.97
C ALA C 266 20.19 -43.47 36.23
N LYS C 267 19.03 -43.67 35.60
CA LYS C 267 18.76 -44.89 34.86
C LYS C 267 19.71 -45.11 33.70
N HIS C 268 19.96 -44.05 32.93
CA HIS C 268 20.70 -44.21 31.67
C HIS C 268 22.22 -44.08 31.81
N ALA C 269 22.66 -43.36 32.83
CA ALA C 269 24.10 -43.26 33.07
C ALA C 269 24.58 -44.58 33.66
N GLY C 270 23.70 -45.26 34.39
CA GLY C 270 24.03 -46.53 35.02
C GLY C 270 25.02 -46.38 36.17
N SER D 22 -23.09 2.86 -26.42
CA SER D 22 -24.28 3.70 -26.54
C SER D 22 -24.66 4.30 -25.18
N GLU D 23 -25.26 5.49 -25.20
CA GLU D 23 -25.55 6.24 -23.98
C GLU D 23 -26.74 5.67 -23.20
N GLN D 24 -26.61 5.61 -21.88
CA GLN D 24 -27.65 5.03 -21.03
C GLN D 24 -28.52 6.09 -20.33
N TYR D 25 -28.04 7.32 -20.28
CA TYR D 25 -28.78 8.41 -19.67
C TYR D 25 -29.30 9.38 -20.71
N PRO D 26 -30.42 10.06 -20.42
CA PRO D 26 -31.03 11.00 -21.39
C PRO D 26 -30.24 12.30 -21.49
N VAL D 27 -30.36 12.98 -22.62
CA VAL D 27 -29.67 14.25 -22.84
C VAL D 27 -30.26 15.30 -21.90
N LEU D 28 -29.39 16.05 -21.22
CA LEU D 28 -29.82 17.09 -20.28
C LEU D 28 -30.43 18.27 -21.01
N SER D 29 -31.32 18.99 -20.34
CA SER D 29 -31.87 20.22 -20.91
C SER D 29 -30.73 21.21 -21.07
N GLY D 30 -30.59 21.77 -22.27
CA GLY D 30 -29.52 22.71 -22.55
C GLY D 30 -28.30 22.11 -23.22
N ALA D 31 -28.25 20.78 -23.30
CA ALA D 31 -27.10 20.09 -23.89
C ALA D 31 -27.42 19.58 -25.29
N GLU D 32 -28.59 19.95 -25.80
CA GLU D 32 -29.02 19.52 -27.13
C GLU D 32 -28.11 20.10 -28.21
N PRO D 33 -27.85 19.33 -29.27
CA PRO D 33 -27.13 19.85 -30.43
C PRO D 33 -27.95 20.94 -31.11
N PHE D 34 -27.32 21.74 -31.94
CA PHE D 34 -27.96 22.87 -32.60
C PHE D 34 -27.57 22.90 -34.08
N TYR D 35 -28.58 23.00 -34.96
CA TYR D 35 -28.34 23.09 -36.40
C TYR D 35 -29.12 24.26 -36.97
N ALA D 36 -28.51 24.99 -37.89
CA ALA D 36 -29.26 25.97 -38.67
C ALA D 36 -28.77 26.02 -40.11
N GLU D 37 -29.70 25.92 -41.04
CA GLU D 37 -29.37 26.01 -42.45
C GLU D 37 -29.65 27.42 -42.90
N ASN D 38 -28.63 28.06 -43.44
CA ASN D 38 -28.77 29.39 -44.00
C ASN D 38 -27.98 29.44 -45.29
N GLY D 39 -26.98 30.31 -45.34
CA GLY D 39 -26.19 30.47 -46.54
C GLY D 39 -25.25 29.31 -46.81
N PRO D 40 -24.49 29.40 -47.92
CA PRO D 40 -23.58 28.37 -48.43
C PRO D 40 -22.25 28.31 -47.70
N VAL D 41 -22.05 29.17 -46.70
CA VAL D 41 -20.84 29.10 -45.87
C VAL D 41 -21.19 28.52 -44.50
N GLY D 42 -20.39 27.56 -44.04
CA GLY D 42 -20.74 26.84 -42.83
C GLY D 42 -19.75 27.04 -41.69
N VAL D 43 -20.25 26.92 -40.46
CA VAL D 43 -19.38 26.91 -39.29
C VAL D 43 -19.70 25.72 -38.41
N LEU D 44 -18.67 24.93 -38.11
CA LEU D 44 -18.77 23.84 -37.15
C LEU D 44 -18.27 24.36 -35.81
N LEU D 45 -19.06 24.15 -34.75
CA LEU D 45 -18.68 24.60 -33.41
C LEU D 45 -18.56 23.40 -32.50
N VAL D 46 -17.41 23.26 -31.84
CA VAL D 46 -17.13 22.09 -31.01
C VAL D 46 -16.95 22.47 -29.54
N HIS D 47 -17.75 21.86 -28.67
CA HIS D 47 -17.61 22.11 -27.23
C HIS D 47 -16.51 21.26 -26.58
N GLY D 48 -16.32 21.43 -25.28
CA GLY D 48 -15.18 20.86 -24.57
C GLY D 48 -15.45 19.63 -23.72
N PHE D 49 -14.37 19.16 -23.09
CA PHE D 49 -14.29 17.93 -22.28
C PHE D 49 -15.11 18.04 -20.99
N THR D 50 -16.06 17.11 -20.81
CA THR D 50 -17.09 17.11 -19.74
C THR D 50 -18.17 18.16 -19.91
N GLY D 51 -18.04 19.01 -20.92
CA GLY D 51 -19.01 20.07 -21.16
C GLY D 51 -20.10 19.67 -22.15
N THR D 52 -20.78 20.68 -22.70
CA THR D 52 -21.95 20.46 -23.56
C THR D 52 -22.03 21.56 -24.62
N PRO D 53 -22.91 21.40 -25.63
CA PRO D 53 -23.14 22.46 -26.61
C PRO D 53 -23.48 23.82 -25.99
N HIS D 54 -23.96 23.83 -24.75
CA HIS D 54 -24.34 25.06 -24.05
C HIS D 54 -23.26 26.14 -24.06
N SER D 55 -22.00 25.73 -23.89
CA SER D 55 -20.90 26.69 -23.89
C SER D 55 -20.67 27.36 -25.25
N MET D 56 -21.16 26.75 -26.33
CA MET D 56 -20.91 27.27 -27.68
C MET D 56 -22.14 27.91 -28.30
N ARG D 57 -23.29 27.71 -27.67
CA ARG D 57 -24.55 28.17 -28.25
C ARG D 57 -24.67 29.68 -28.56
N PRO D 58 -24.14 30.57 -27.67
CA PRO D 58 -24.22 31.99 -28.05
C PRO D 58 -23.44 32.30 -29.33
N LEU D 59 -22.33 31.60 -29.54
CA LEU D 59 -21.56 31.78 -30.77
C LEU D 59 -22.36 31.24 -31.95
N ALA D 60 -22.91 30.05 -31.78
CA ALA D 60 -23.68 29.39 -32.84
C ALA D 60 -24.84 30.28 -33.29
N GLU D 61 -25.50 30.91 -32.32
CA GLU D 61 -26.67 31.73 -32.65
C GLU D 61 -26.27 33.01 -33.36
N ALA D 62 -25.17 33.64 -32.90
CA ALA D 62 -24.67 34.85 -33.54
C ALA D 62 -24.30 34.58 -35.00
N TYR D 63 -23.60 33.45 -35.25
CA TYR D 63 -23.18 33.14 -36.62
C TYR D 63 -24.38 32.80 -37.52
N ALA D 64 -25.32 32.04 -37.00
CA ALA D 64 -26.57 31.78 -37.73
C ALA D 64 -27.31 33.09 -38.07
N LYS D 65 -27.39 33.99 -37.10
CA LYS D 65 -28.01 35.30 -37.32
C LYS D 65 -27.30 36.12 -38.41
N ALA D 66 -25.99 35.95 -38.51
CA ALA D 66 -25.23 36.67 -39.54
C ALA D 66 -25.31 35.97 -40.90
N GLY D 67 -26.08 34.88 -40.98
CA GLY D 67 -26.33 34.22 -42.24
C GLY D 67 -25.51 32.97 -42.56
N TYR D 68 -24.78 32.46 -41.56
CA TYR D 68 -24.03 31.22 -41.76
C TYR D 68 -24.88 29.98 -41.47
N THR D 69 -24.63 28.91 -42.22
CA THR D 69 -25.14 27.61 -41.85
C THR D 69 -24.27 27.14 -40.69
N VAL D 70 -24.88 26.61 -39.62
CA VAL D 70 -24.11 26.24 -38.43
C VAL D 70 -24.44 24.83 -37.94
N CYS D 71 -23.43 24.16 -37.41
CA CYS D 71 -23.60 22.85 -36.82
C CYS D 71 -22.86 22.82 -35.49
N LEU D 72 -23.61 22.58 -34.42
CA LEU D 72 -23.06 22.48 -33.08
C LEU D 72 -23.45 21.11 -32.50
N PRO D 73 -22.59 20.11 -32.71
CA PRO D 73 -22.99 18.77 -32.25
C PRO D 73 -22.77 18.56 -30.75
N ARG D 74 -23.40 17.51 -30.23
CA ARG D 74 -23.15 17.06 -28.87
C ARG D 74 -22.18 15.91 -28.93
N LEU D 75 -21.03 16.03 -28.27
CA LEU D 75 -20.04 14.95 -28.30
C LEU D 75 -20.59 13.70 -27.60
N LYS D 76 -20.30 12.54 -28.17
CA LYS D 76 -20.75 11.27 -27.60
C LYS D 76 -20.34 11.23 -26.14
N GLY D 77 -21.28 10.87 -25.26
CA GLY D 77 -20.99 10.72 -23.84
C GLY D 77 -21.08 12.02 -23.05
N HIS D 78 -21.35 13.12 -23.75
CA HIS D 78 -21.41 14.43 -23.13
C HIS D 78 -22.84 14.91 -23.02
N GLY D 79 -23.15 15.66 -21.96
CA GLY D 79 -24.49 16.19 -21.77
C GLY D 79 -25.52 15.13 -21.37
N THR D 80 -25.05 13.97 -20.94
CA THR D 80 -25.93 12.93 -20.38
C THR D 80 -25.57 12.64 -18.92
N HIS D 81 -24.48 11.91 -18.74
CA HIS D 81 -24.01 11.51 -17.41
C HIS D 81 -22.55 11.13 -17.52
N TYR D 82 -21.73 11.43 -16.50
CA TYR D 82 -20.31 11.11 -16.56
C TYR D 82 -20.04 9.60 -16.71
N GLU D 83 -20.97 8.76 -16.27
CA GLU D 83 -20.82 7.33 -16.48
C GLU D 83 -20.88 6.96 -17.96
N ASP D 84 -21.70 7.68 -18.72
CA ASP D 84 -21.70 7.52 -20.17
C ASP D 84 -20.38 7.98 -20.77
N MET D 85 -19.88 9.11 -20.28
CA MET D 85 -18.63 9.67 -20.77
C MET D 85 -17.50 8.68 -20.51
N GLU D 86 -17.51 8.07 -19.32
CA GLU D 86 -16.45 7.16 -18.92
C GLU D 86 -16.32 6.01 -19.92
N ARG D 87 -17.44 5.65 -20.55
CA ARG D 87 -17.51 4.56 -21.51
C ARG D 87 -16.97 4.93 -22.90
N THR D 88 -16.84 6.23 -23.18
CA THR D 88 -16.42 6.65 -24.52
C THR D 88 -14.90 6.67 -24.67
N THR D 89 -14.44 6.62 -25.91
CA THR D 89 -13.03 6.84 -26.23
C THR D 89 -12.95 8.17 -26.99
N PHE D 90 -11.74 8.66 -27.22
CA PHE D 90 -11.60 9.89 -27.98
C PHE D 90 -12.02 9.68 -29.43
N HIS D 91 -12.01 8.43 -29.88
CA HIS D 91 -12.46 8.12 -31.23
C HIS D 91 -13.96 8.40 -31.36
N ASP D 92 -14.72 8.22 -30.28
CA ASP D 92 -16.14 8.56 -30.31
C ASP D 92 -16.31 10.07 -30.46
N TRP D 93 -15.52 10.84 -29.71
CA TRP D 93 -15.60 12.30 -29.78
C TRP D 93 -15.21 12.78 -31.17
N VAL D 94 -14.19 12.14 -31.74
CA VAL D 94 -13.78 12.46 -33.12
C VAL D 94 -14.91 12.13 -34.09
N ALA D 95 -15.56 10.99 -33.92
CA ALA D 95 -16.65 10.61 -34.81
C ALA D 95 -17.80 11.62 -34.75
N SER D 96 -18.06 12.15 -33.56
CA SER D 96 -19.10 13.17 -33.39
C SER D 96 -18.79 14.43 -34.18
N VAL D 97 -17.53 14.86 -34.17
CA VAL D 97 -17.19 16.06 -34.92
C VAL D 97 -17.10 15.77 -36.41
N GLU D 98 -16.60 14.59 -36.79
CA GLU D 98 -16.60 14.21 -38.20
C GLU D 98 -18.01 14.14 -38.78
N GLU D 99 -18.96 13.63 -37.99
CA GLU D 99 -20.35 13.59 -38.45
C GLU D 99 -20.89 15.00 -38.70
N GLY D 100 -20.57 15.92 -37.79
CA GLY D 100 -21.04 17.29 -37.92
C GLY D 100 -20.39 17.99 -39.10
N TYR D 101 -19.12 17.66 -39.33
CA TYR D 101 -18.40 18.17 -40.50
C TYR D 101 -19.02 17.67 -41.80
N GLY D 102 -19.35 16.37 -41.84
CA GLY D 102 -20.05 15.79 -42.98
C GLY D 102 -21.42 16.43 -43.23
N TRP D 103 -22.15 16.71 -42.16
CA TRP D 103 -23.43 17.40 -42.28
C TRP D 103 -23.27 18.75 -42.98
N LEU D 104 -22.26 19.53 -42.59
CA LEU D 104 -22.00 20.81 -43.25
C LEU D 104 -21.53 20.64 -44.70
N LYS D 105 -20.72 19.61 -44.94
CA LYS D 105 -20.16 19.34 -46.27
C LYS D 105 -21.28 19.09 -47.28
N GLN D 106 -22.38 18.52 -46.81
CA GLN D 106 -23.56 18.26 -47.64
C GLN D 106 -24.15 19.53 -48.25
N ARG D 107 -23.97 20.66 -47.59
CA ARG D 107 -24.67 21.87 -48.03
C ARG D 107 -23.79 23.11 -48.12
N CYS D 108 -22.53 22.99 -47.70
CA CYS D 108 -21.62 24.13 -47.73
C CYS D 108 -20.34 23.81 -48.47
N GLN D 109 -20.01 24.67 -49.42
CA GLN D 109 -18.72 24.59 -50.12
C GLN D 109 -17.61 25.08 -49.20
N THR D 110 -17.90 26.14 -48.45
CA THR D 110 -16.90 26.76 -47.58
C THR D 110 -17.22 26.48 -46.12
N ILE D 111 -16.24 25.96 -45.39
CA ILE D 111 -16.46 25.51 -44.01
C ILE D 111 -15.38 26.03 -43.05
N PHE D 112 -15.82 26.62 -41.95
CA PHE D 112 -14.93 27.03 -40.89
C PHE D 112 -15.19 26.16 -39.67
N VAL D 113 -14.16 25.94 -38.86
CA VAL D 113 -14.31 25.18 -37.62
C VAL D 113 -13.80 25.98 -36.43
N THR D 114 -14.57 26.01 -35.36
CA THR D 114 -14.19 26.72 -34.13
C THR D 114 -14.53 25.82 -32.95
N GLY D 115 -13.77 25.93 -31.87
CA GLY D 115 -13.98 25.06 -30.73
C GLY D 115 -13.31 25.57 -29.48
N LEU D 116 -13.92 25.26 -28.33
CA LEU D 116 -13.37 25.65 -27.04
C LEU D 116 -12.73 24.46 -26.33
N SER D 117 -11.49 24.66 -25.86
CA SER D 117 -10.79 23.67 -25.01
C SER D 117 -10.52 22.39 -25.81
N MET D 118 -11.06 21.26 -25.36
CA MET D 118 -10.92 20.03 -26.17
C MET D 118 -11.64 20.24 -27.51
N GLY D 119 -12.65 21.11 -27.52
CA GLY D 119 -13.30 21.47 -28.76
C GLY D 119 -12.31 22.11 -29.71
N GLY D 120 -11.39 22.88 -29.15
CA GLY D 120 -10.27 23.43 -29.90
C GLY D 120 -9.31 22.36 -30.37
N THR D 121 -9.08 21.34 -29.53
CA THR D 121 -8.20 20.24 -29.93
C THR D 121 -8.79 19.54 -31.14
N LEU D 122 -10.10 19.31 -31.09
CA LEU D 122 -10.82 18.62 -32.16
C LEU D 122 -10.88 19.48 -33.43
N THR D 123 -10.91 20.79 -33.25
CA THR D 123 -10.81 21.74 -34.37
C THR D 123 -9.47 21.54 -35.08
N LEU D 124 -8.38 21.46 -34.31
CA LEU D 124 -7.06 21.25 -34.87
C LEU D 124 -6.99 19.87 -35.54
N TYR D 125 -7.50 18.85 -34.86
CA TYR D 125 -7.54 17.51 -35.41
C TYR D 125 -8.25 17.48 -36.76
N LEU D 126 -9.41 18.14 -36.87
CA LEU D 126 -10.14 18.16 -38.13
C LEU D 126 -9.34 18.83 -39.25
N ALA D 127 -8.67 19.95 -38.92
CA ALA D 127 -7.92 20.68 -39.93
C ALA D 127 -6.72 19.85 -40.39
N GLU D 128 -6.26 18.95 -39.54
CA GLU D 128 -5.15 18.05 -39.88
C GLU D 128 -5.58 16.98 -40.89
N HIS D 129 -6.86 16.66 -40.93
CA HIS D 129 -7.37 15.61 -41.81
C HIS D 129 -8.12 16.15 -43.01
N HIS D 130 -8.54 17.41 -42.94
CA HIS D 130 -9.33 18.01 -44.01
C HIS D 130 -8.73 19.35 -44.45
N PRO D 131 -7.85 19.31 -45.46
CA PRO D 131 -7.20 20.50 -46.00
C PRO D 131 -8.18 21.46 -46.68
N ASP D 132 -9.38 20.98 -46.99
CA ASP D 132 -10.42 21.83 -47.59
C ASP D 132 -10.91 22.93 -46.65
N ILE D 133 -10.80 22.68 -45.34
CA ILE D 133 -11.27 23.64 -44.33
C ILE D 133 -10.73 25.07 -44.57
N CYS D 134 -11.64 26.02 -44.71
CA CYS D 134 -11.30 27.39 -45.10
C CYS D 134 -10.55 28.16 -44.02
N GLY D 135 -10.82 27.83 -42.76
CA GLY D 135 -10.12 28.48 -41.66
C GLY D 135 -10.54 27.90 -40.32
N ILE D 136 -9.67 28.02 -39.32
CA ILE D 136 -9.99 27.56 -37.98
C ILE D 136 -9.91 28.65 -36.92
N VAL D 137 -10.77 28.53 -35.91
CA VAL D 137 -10.75 29.45 -34.77
C VAL D 137 -10.74 28.65 -33.47
N PRO D 138 -9.56 28.13 -33.09
CA PRO D 138 -9.48 27.44 -31.79
C PRO D 138 -9.42 28.44 -30.63
N ILE D 139 -10.13 28.14 -29.55
CA ILE D 139 -10.25 29.00 -28.37
C ILE D 139 -9.79 28.20 -27.15
N ASN D 140 -8.69 28.62 -26.54
CA ASN D 140 -8.05 27.85 -25.46
C ASN D 140 -7.91 26.36 -25.78
N ALA D 141 -7.50 26.07 -27.01
CA ALA D 141 -7.33 24.69 -27.47
C ALA D 141 -6.26 23.98 -26.64
N ALA D 142 -6.51 22.72 -26.30
CA ALA D 142 -5.61 21.94 -25.45
C ALA D 142 -4.72 21.01 -26.29
N VAL D 143 -3.39 21.17 -26.17
CA VAL D 143 -2.45 20.26 -26.84
C VAL D 143 -1.39 19.72 -25.88
N ASP D 144 -1.18 20.43 -24.76
CA ASP D 144 -0.18 20.02 -23.77
C ASP D 144 -0.59 20.50 -22.37
N ILE D 145 -0.94 19.56 -21.50
CA ILE D 145 -1.36 19.91 -20.14
C ILE D 145 -0.56 19.11 -19.12
N PRO D 146 0.55 19.69 -18.63
CA PRO D 146 1.46 19.00 -17.71
C PRO D 146 0.78 18.42 -16.45
N ALA D 147 -0.24 19.09 -15.92
CA ALA D 147 -0.95 18.57 -14.75
C ALA D 147 -1.56 17.18 -15.02
N ILE D 148 -2.09 16.97 -16.22
CA ILE D 148 -2.61 15.67 -16.61
C ILE D 148 -1.49 14.62 -16.69
N ALA D 149 -0.41 14.94 -17.40
CA ALA D 149 0.73 14.02 -17.49
C ALA D 149 1.24 13.62 -16.10
N ALA D 150 1.41 14.61 -15.22
CA ALA D 150 1.89 14.33 -13.87
C ALA D 150 0.90 13.47 -13.08
N GLY D 151 -0.40 13.74 -13.22
CA GLY D 151 -1.39 12.96 -12.50
C GLY D 151 -1.51 11.54 -13.02
N MET D 152 -1.46 11.40 -14.34
CA MET D 152 -1.80 10.14 -14.99
C MET D 152 -0.64 9.18 -15.22
N THR D 153 0.58 9.69 -15.33
CA THR D 153 1.70 8.85 -15.76
C THR D 153 2.58 8.41 -14.60
N GLY D 154 3.14 7.20 -14.72
CA GLY D 154 4.13 6.74 -13.75
C GLY D 154 3.73 5.52 -12.94
N GLY D 155 2.54 4.99 -13.21
CA GLY D 155 2.10 3.75 -12.58
C GLY D 155 1.32 3.91 -11.28
N GLY D 156 0.89 2.78 -10.71
CA GLY D 156 0.16 2.80 -9.46
C GLY D 156 -1.35 2.97 -9.64
N GLU D 157 -2.08 3.09 -8.54
CA GLU D 157 -3.53 3.27 -8.56
C GLU D 157 -3.93 4.69 -8.93
N LEU D 158 -5.01 4.81 -9.71
CA LEU D 158 -5.62 6.11 -9.99
C LEU D 158 -7.03 6.15 -9.42
N PRO D 159 -7.40 7.27 -8.78
CA PRO D 159 -8.79 7.37 -8.31
C PRO D 159 -9.70 7.38 -9.53
N ARG D 160 -10.92 6.87 -9.41
CA ARG D 160 -11.79 6.76 -10.57
C ARG D 160 -12.28 8.12 -11.05
N TYR D 161 -12.56 9.02 -10.12
CA TYR D 161 -13.08 10.35 -10.46
C TYR D 161 -12.29 11.48 -9.78
N LEU D 162 -12.10 12.57 -10.52
CA LEU D 162 -11.70 13.85 -9.92
C LEU D 162 -12.97 14.66 -9.78
N ASP D 163 -12.92 15.80 -9.09
CA ASP D 163 -14.10 16.65 -9.04
C ASP D 163 -14.23 17.48 -10.32
N SER D 164 -15.31 18.24 -10.43
CA SER D 164 -15.60 19.03 -11.64
C SER D 164 -14.44 19.94 -12.04
N ILE D 165 -14.23 20.07 -13.35
CA ILE D 165 -13.25 21.00 -13.89
C ILE D 165 -13.96 22.16 -14.58
N GLY D 166 -15.29 22.18 -14.47
CA GLY D 166 -16.12 23.18 -15.13
C GLY D 166 -16.20 24.54 -14.44
N SER D 167 -16.60 25.54 -15.22
CA SER D 167 -16.87 26.89 -14.71
C SER D 167 -15.65 27.68 -14.20
N ASP D 168 -14.48 27.48 -14.83
CA ASP D 168 -13.38 28.42 -14.63
C ASP D 168 -13.75 29.69 -15.41
N LEU D 169 -14.49 30.57 -14.75
CA LEU D 169 -15.05 31.76 -15.37
C LEU D 169 -14.71 32.97 -14.53
N LYS D 170 -14.25 34.03 -15.18
CA LYS D 170 -13.96 35.26 -14.44
C LYS D 170 -15.24 35.93 -13.96
N ASN D 171 -16.26 35.91 -14.83
CA ASN D 171 -17.58 36.42 -14.49
C ASN D 171 -18.27 35.55 -13.43
N PRO D 172 -18.49 36.12 -12.24
CA PRO D 172 -19.07 35.44 -11.07
C PRO D 172 -20.48 34.90 -11.30
N ASP D 173 -21.26 35.56 -12.16
CA ASP D 173 -22.67 35.23 -12.30
C ASP D 173 -22.99 34.31 -13.47
N VAL D 174 -21.97 33.61 -13.97
CA VAL D 174 -22.14 32.67 -15.07
C VAL D 174 -21.62 31.28 -14.67
N LYS D 175 -22.38 30.25 -15.00
CA LYS D 175 -22.00 28.88 -14.67
C LYS D 175 -22.05 27.99 -15.90
N GLU D 176 -20.98 27.24 -16.13
CA GLU D 176 -20.92 26.32 -17.24
C GLU D 176 -21.64 25.02 -16.89
N LEU D 177 -22.41 24.50 -17.83
CA LEU D 177 -23.07 23.22 -17.66
C LEU D 177 -22.04 22.13 -17.94
N ALA D 178 -21.57 21.47 -16.89
CA ALA D 178 -20.52 20.46 -17.04
C ALA D 178 -20.67 19.39 -15.97
N TYR D 179 -20.12 18.20 -16.23
CA TYR D 179 -20.22 17.10 -15.26
C TYR D 179 -19.60 17.44 -13.90
N GLU D 180 -20.20 16.93 -12.82
CA GLU D 180 -19.72 17.23 -11.48
C GLU D 180 -18.57 16.30 -11.06
N LYS D 181 -18.35 15.26 -11.86
CA LYS D 181 -17.17 14.41 -11.70
C LYS D 181 -16.44 14.26 -13.02
N THR D 182 -15.12 14.28 -12.96
CA THR D 182 -14.28 14.08 -14.15
C THR D 182 -13.69 12.67 -14.11
N PRO D 183 -14.09 11.81 -15.05
CA PRO D 183 -13.55 10.44 -15.03
C PRO D 183 -12.07 10.38 -15.44
N THR D 184 -11.20 9.78 -14.62
CA THR D 184 -9.79 9.68 -14.97
C THR D 184 -9.55 8.84 -16.23
N ALA D 185 -10.40 7.85 -16.47
CA ALA D 185 -10.33 7.06 -17.70
C ALA D 185 -10.53 7.96 -18.92
N SER D 186 -11.33 9.01 -18.76
CA SER D 186 -11.56 9.96 -19.85
C SER D 186 -10.36 10.89 -20.05
N LEU D 187 -9.65 11.20 -18.95
CA LEU D 187 -8.43 12.00 -19.05
C LEU D 187 -7.38 11.30 -19.91
N LEU D 188 -7.31 9.98 -19.78
CA LEU D 188 -6.41 9.17 -20.59
C LEU D 188 -6.76 9.28 -22.06
N GLN D 189 -8.06 9.26 -22.36
CA GLN D 189 -8.52 9.44 -23.73
C GLN D 189 -8.13 10.83 -24.25
N LEU D 190 -8.29 11.85 -23.40
CA LEU D 190 -7.94 13.21 -23.80
C LEU D 190 -6.44 13.36 -24.04
N ALA D 191 -5.64 12.73 -23.18
CA ALA D 191 -4.20 12.79 -23.33
C ALA D 191 -3.78 12.20 -24.67
N ARG D 192 -4.38 11.08 -25.05
CA ARG D 192 -4.05 10.44 -26.32
C ARG D 192 -4.46 11.31 -27.51
N LEU D 193 -5.65 11.89 -27.43
CA LEU D 193 -6.11 12.82 -28.46
C LEU D 193 -5.19 14.01 -28.59
N MET D 194 -4.78 14.59 -27.46
CA MET D 194 -3.87 15.74 -27.48
C MET D 194 -2.54 15.40 -28.11
N ALA D 195 -2.01 14.22 -27.80
CA ALA D 195 -0.67 13.83 -28.26
C ALA D 195 -0.66 13.65 -29.77
N GLN D 196 -1.72 13.03 -30.30
CA GLN D 196 -1.88 12.81 -31.74
C GLN D 196 -2.03 14.14 -32.47
N THR D 197 -2.89 14.99 -31.93
CA THR D 197 -3.16 16.29 -32.53
C THR D 197 -1.92 17.17 -32.51
N LYS D 198 -1.18 17.12 -31.40
CA LYS D 198 0.02 17.94 -31.28
C LYS D 198 1.10 17.50 -32.28
N ALA D 199 1.22 16.19 -32.45
CA ALA D 199 2.29 15.61 -33.26
C ALA D 199 2.15 15.96 -34.74
N LYS D 200 0.92 16.27 -35.15
CA LYS D 200 0.64 16.52 -36.55
C LYS D 200 0.13 17.93 -36.86
N LEU D 201 0.45 18.88 -35.99
CA LEU D 201 0.10 20.29 -36.21
C LEU D 201 0.63 20.82 -37.55
N ASP D 202 1.70 20.22 -38.07
CA ASP D 202 2.28 20.67 -39.34
C ASP D 202 1.42 20.41 -40.57
N ARG D 203 0.43 19.52 -40.46
CA ARG D 203 -0.49 19.27 -41.57
C ARG D 203 -1.41 20.46 -41.81
N ILE D 204 -1.59 21.29 -40.79
CA ILE D 204 -2.52 22.42 -40.88
C ILE D 204 -1.91 23.57 -41.70
N VAL D 205 -2.60 23.98 -42.76
CA VAL D 205 -2.13 25.10 -43.59
C VAL D 205 -3.19 26.21 -43.75
N CYS D 206 -4.41 25.96 -43.28
CA CYS D 206 -5.46 26.97 -43.42
C CYS D 206 -5.27 28.14 -42.45
N PRO D 207 -5.85 29.30 -42.78
CA PRO D 207 -5.80 30.45 -41.87
C PRO D 207 -6.31 30.10 -40.48
N ALA D 208 -5.63 30.63 -39.47
CA ALA D 208 -5.92 30.32 -38.08
C ALA D 208 -6.06 31.60 -37.27
N LEU D 209 -7.14 31.70 -36.52
CA LEU D 209 -7.31 32.76 -35.54
C LEU D 209 -7.35 32.07 -34.18
N ILE D 210 -6.29 32.24 -33.40
CA ILE D 210 -6.13 31.50 -32.15
C ILE D 210 -6.42 32.39 -30.94
N PHE D 211 -7.55 32.15 -30.28
CA PHE D 211 -7.85 32.86 -29.04
C PHE D 211 -7.22 32.18 -27.85
N VAL D 212 -6.70 32.98 -26.94
CA VAL D 212 -6.16 32.43 -25.69
C VAL D 212 -6.46 33.39 -24.54
N SER D 213 -6.96 32.84 -23.44
CA SER D 213 -7.18 33.64 -22.24
C SER D 213 -5.84 33.85 -21.54
N ASP D 214 -5.54 35.12 -21.24
CA ASP D 214 -4.31 35.49 -20.57
C ASP D 214 -4.17 34.69 -19.27
N GLU D 215 -5.29 34.52 -18.59
CA GLU D 215 -5.35 33.64 -17.43
C GLU D 215 -6.31 32.48 -17.70
N ASP D 216 -5.78 31.27 -17.74
CA ASP D 216 -6.60 30.08 -17.93
C ASP D 216 -6.12 29.07 -16.91
N HIS D 217 -7.01 28.66 -16.00
CA HIS D 217 -6.65 27.79 -14.88
C HIS D 217 -6.84 26.31 -15.22
N VAL D 218 -7.25 26.05 -16.47
CA VAL D 218 -7.51 24.70 -16.93
C VAL D 218 -6.51 24.29 -18.01
N VAL D 219 -6.48 25.05 -19.10
CA VAL D 219 -5.54 24.82 -20.20
C VAL D 219 -4.48 25.92 -20.20
N PRO D 220 -3.19 25.54 -20.12
CA PRO D 220 -2.10 26.52 -20.08
C PRO D 220 -2.12 27.45 -21.28
N PRO D 221 -2.09 28.77 -21.04
CA PRO D 221 -2.09 29.74 -22.14
C PRO D 221 -0.92 29.53 -23.10
N GLY D 222 0.17 28.96 -22.61
CA GLY D 222 1.28 28.58 -23.48
C GLY D 222 0.91 27.65 -24.62
N ASN D 223 -0.24 26.98 -24.53
CA ASN D 223 -0.68 26.10 -25.60
C ASN D 223 -0.88 26.87 -26.90
N ALA D 224 -1.29 28.14 -26.80
CA ALA D 224 -1.51 28.94 -28.00
C ALA D 224 -0.22 29.12 -28.81
N ASP D 225 0.90 29.22 -28.10
CA ASP D 225 2.20 29.36 -28.73
C ASP D 225 2.67 28.05 -29.37
N ILE D 226 2.36 26.93 -28.73
CA ILE D 226 2.65 25.61 -29.29
C ILE D 226 1.91 25.45 -30.61
N ILE D 227 0.63 25.81 -30.61
CA ILE D 227 -0.20 25.73 -31.82
C ILE D 227 0.32 26.69 -32.92
N PHE D 228 0.55 27.94 -32.55
CA PHE D 228 1.02 28.96 -33.49
C PHE D 228 2.31 28.53 -34.18
N GLN D 229 3.24 28.01 -33.38
CA GLN D 229 4.54 27.64 -33.90
C GLN D 229 4.48 26.33 -34.69
N GLY D 230 3.59 25.43 -34.29
CA GLY D 230 3.52 24.10 -34.87
C GLY D 230 2.78 23.99 -36.19
N ILE D 231 1.77 24.84 -36.42
CA ILE D 231 1.04 24.80 -37.68
C ILE D 231 1.87 25.37 -38.84
N SER D 232 1.57 24.94 -40.06
CA SER D 232 2.29 25.41 -41.24
C SER D 232 1.56 26.56 -41.92
N SER D 233 0.42 26.97 -41.36
CA SER D 233 -0.34 28.11 -41.89
C SER D 233 0.50 29.39 -42.03
N THR D 234 0.30 30.09 -43.14
CA THR D 234 1.00 31.36 -43.37
C THR D 234 0.20 32.51 -42.75
N GLU D 235 -1.11 32.35 -42.72
CA GLU D 235 -1.99 33.35 -42.10
C GLU D 235 -2.43 32.86 -40.73
N LYS D 236 -1.83 33.43 -39.69
CA LYS D 236 -2.09 32.98 -38.33
C LYS D 236 -1.81 34.10 -37.34
N GLU D 237 -2.52 34.09 -36.22
CA GLU D 237 -2.40 35.14 -35.22
C GLU D 237 -2.97 34.66 -33.90
N ILE D 238 -2.37 35.13 -32.81
CA ILE D 238 -2.89 34.89 -31.47
C ILE D 238 -3.58 36.16 -30.97
N VAL D 239 -4.81 36.01 -30.48
CA VAL D 239 -5.49 37.12 -29.82
C VAL D 239 -5.62 36.75 -28.34
N ARG D 240 -4.95 37.52 -27.49
CA ARG D 240 -4.99 37.30 -26.04
C ARG D 240 -6.23 37.96 -25.45
N LEU D 241 -7.00 37.17 -24.71
CA LEU D 241 -8.19 37.67 -24.03
C LEU D 241 -7.86 38.09 -22.58
N ARG D 242 -8.08 39.36 -22.27
CA ARG D 242 -7.65 39.95 -21.02
C ARG D 242 -8.63 39.83 -19.86
N ASN D 243 -9.89 39.54 -20.18
CA ASN D 243 -10.97 39.58 -19.19
C ASN D 243 -11.71 38.26 -19.08
N SER D 244 -11.02 37.16 -19.39
CA SER D 244 -11.64 35.85 -19.36
C SER D 244 -10.74 34.81 -18.76
N TYR D 245 -11.35 33.83 -18.11
CA TYR D 245 -10.64 32.64 -17.71
C TYR D 245 -10.83 31.58 -18.80
N HIS D 246 -10.92 30.31 -18.43
CA HIS D 246 -10.99 29.25 -19.41
C HIS D 246 -12.19 29.29 -20.35
N VAL D 247 -13.39 29.33 -19.77
CA VAL D 247 -14.61 29.23 -20.55
C VAL D 247 -14.94 30.57 -21.22
N ALA D 248 -14.02 31.01 -22.07
CA ALA D 248 -14.08 32.34 -22.68
C ALA D 248 -15.33 32.63 -23.53
N THR D 249 -15.93 31.59 -24.10
CA THR D 249 -17.14 31.74 -24.91
C THR D 249 -18.36 32.20 -24.10
N LEU D 250 -18.27 32.03 -22.78
CA LEU D 250 -19.34 32.44 -21.88
C LEU D 250 -18.92 33.64 -21.02
N ASP D 251 -17.63 33.97 -21.09
CA ASP D 251 -17.00 34.95 -20.20
C ASP D 251 -17.10 36.37 -20.77
N TYR D 252 -16.42 37.32 -20.14
CA TYR D 252 -16.58 38.75 -20.51
C TYR D 252 -16.16 39.06 -21.95
N ASP D 253 -15.20 38.30 -22.47
CA ASP D 253 -14.70 38.55 -23.82
C ASP D 253 -15.52 37.89 -24.94
N GLN D 254 -16.67 37.32 -24.58
CA GLN D 254 -17.56 36.73 -25.58
C GLN D 254 -17.84 37.61 -26.81
N PRO D 255 -18.22 38.88 -26.60
CA PRO D 255 -18.52 39.70 -27.79
C PRO D 255 -17.30 39.89 -28.70
N MET D 256 -16.10 39.96 -28.13
CA MET D 256 -14.90 40.10 -28.95
C MET D 256 -14.62 38.81 -29.73
N ILE D 257 -14.80 37.66 -29.08
CA ILE D 257 -14.68 36.38 -29.77
C ILE D 257 -15.64 36.31 -30.96
N ILE D 258 -16.92 36.62 -30.72
CA ILE D 258 -17.92 36.61 -31.77
C ILE D 258 -17.61 37.63 -32.89
N GLU D 259 -17.28 38.86 -32.52
CA GLU D 259 -17.04 39.90 -33.53
C GLU D 259 -15.83 39.58 -34.43
N ARG D 260 -14.72 39.19 -33.82
CA ARG D 260 -13.49 38.93 -34.58
C ARG D 260 -13.62 37.66 -35.42
N SER D 261 -14.35 36.67 -34.90
CA SER D 261 -14.64 35.46 -35.69
C SER D 261 -15.43 35.79 -36.94
N LEU D 262 -16.48 36.61 -36.80
CA LEU D 262 -17.27 37.03 -37.96
C LEU D 262 -16.40 37.73 -39.01
N GLU D 263 -15.45 38.54 -38.56
CA GLU D 263 -14.57 39.25 -39.49
C GLU D 263 -13.70 38.25 -40.23
N PHE D 264 -13.18 37.28 -39.48
CA PHE D 264 -12.37 36.18 -40.00
C PHE D 264 -13.12 35.36 -41.07
N PHE D 265 -14.36 34.95 -40.76
CA PHE D 265 -15.19 34.23 -41.73
C PHE D 265 -15.40 35.03 -43.01
N ALA D 266 -15.76 36.30 -42.86
CA ALA D 266 -16.04 37.17 -44.01
C ALA D 266 -14.82 37.37 -44.90
N LYS D 267 -13.67 37.56 -44.27
CA LYS D 267 -12.41 37.77 -44.99
C LYS D 267 -11.99 36.54 -45.80
N HIS D 268 -12.11 35.36 -45.19
CA HIS D 268 -11.61 34.15 -45.83
C HIS D 268 -12.61 33.44 -46.72
N ALA D 269 -13.90 33.67 -46.50
CA ALA D 269 -14.91 33.13 -47.40
C ALA D 269 -14.90 33.90 -48.72
N GLY D 270 -14.58 35.19 -48.64
CA GLY D 270 -14.55 36.03 -49.82
C GLY D 270 -15.94 36.35 -50.36
#